data_6PSD
#
_entry.id   6PSD
#
_cell.length_a   57.290
_cell.length_b   161.990
_cell.length_c   56.900
_cell.angle_alpha   90.000
_cell.angle_beta   104.010
_cell.angle_gamma   90.000
#
_symmetry.space_group_name_H-M   'P 1 21 1'
#
loop_
_entity.id
_entity.type
_entity.pdbx_description
1 polymer 'EF-hand calcium-binding domain-containing protein 4B'
2 polymer 'cDNA FLJ10219 fis, clone HEMBA1007018, highly similar to Cytoplasmic dynein 1 light intermediate chain 1'
3 non-polymer 'CALCIUM ION'
4 water water
#
loop_
_entity_poly.entity_id
_entity_poly.type
_entity_poly.pdbx_seq_one_letter_code
_entity_poly.pdbx_strand_id
1 'polypeptide(L)' GGQLVMLRKAQEFFQTCDAEGKGFIARKDMQRLHKELPLSLEELEDVFDALDADGNGYLTPQEFTTGFSHFFFSQN E,C,A,G,I,K,M,O
2 'polypeptide(L)' NMKAGATSEGVLANFFNSLLSKKTG F,D,B,H,J,L,N,P
#
# COMPACT_ATOMS: atom_id res chain seq x y z
N GLY A 2 -25.21 -40.88 0.11
CA GLY A 2 -23.75 -40.44 -0.06
C GLY A 2 -23.49 -38.96 0.10
N GLN A 3 -24.55 -38.15 0.00
CA GLN A 3 -24.37 -36.69 0.03
C GLN A 3 -24.03 -36.10 1.38
N LEU A 4 -24.34 -36.79 2.47
CA LEU A 4 -24.00 -36.31 3.80
C LEU A 4 -22.51 -36.34 4.07
N VAL A 5 -21.84 -37.38 3.60
CA VAL A 5 -20.37 -37.47 3.78
C VAL A 5 -19.65 -36.36 3.03
N MET A 6 -20.14 -36.06 1.83
CA MET A 6 -19.64 -34.93 1.04
C MET A 6 -19.74 -33.66 1.87
N LEU A 7 -20.91 -33.36 2.40
CA LEU A 7 -21.11 -32.08 3.08
C LEU A 7 -20.27 -32.00 4.31
N ARG A 8 -20.10 -33.11 5.02
CA ARG A 8 -19.19 -33.12 6.15
C ARG A 8 -17.75 -32.74 5.75
N LYS A 9 -17.35 -33.05 4.55
CA LYS A 9 -16.00 -32.68 4.07
C LYS A 9 -15.93 -31.32 3.55
N ALA A 10 -16.97 -30.85 2.88
CA ALA A 10 -17.00 -29.44 2.37
C ALA A 10 -16.96 -28.48 3.46
N GLN A 11 -17.59 -28.79 4.58
CA GLN A 11 -17.55 -27.92 5.77
C GLN A 11 -16.13 -27.97 6.34
N GLU A 12 -15.63 -29.14 6.55
CA GLU A 12 -14.24 -29.26 7.01
C GLU A 12 -13.27 -28.44 6.18
N PHE A 13 -13.40 -28.53 4.87
CA PHE A 13 -12.42 -27.88 3.97
C PHE A 13 -12.70 -26.42 3.71
N PHE A 14 -13.98 -26.05 3.73
CA PHE A 14 -14.33 -24.64 3.71
C PHE A 14 -13.79 -23.95 4.95
N GLN A 15 -13.86 -24.60 6.10
CA GLN A 15 -13.34 -24.03 7.35
C GLN A 15 -11.85 -23.84 7.28
N THR A 16 -11.21 -24.71 6.54
CA THR A 16 -9.75 -24.74 6.50
C THR A 16 -9.28 -23.59 5.64
N CYS A 17 -9.97 -23.29 4.56
CA CYS A 17 -9.61 -22.16 3.71
C CYS A 17 -10.01 -20.87 4.36
N ASP A 18 -11.23 -20.80 4.85
CA ASP A 18 -11.69 -19.63 5.58
C ASP A 18 -11.39 -19.81 7.07
N ALA A 19 -10.10 -19.89 7.38
CA ALA A 19 -9.65 -20.00 8.77
C ALA A 19 -9.91 -18.71 9.60
N GLU A 20 -10.10 -17.59 8.91
CA GLU A 20 -10.33 -16.33 9.59
C GLU A 20 -11.75 -16.11 10.03
N GLY A 21 -12.69 -17.00 9.70
CA GLY A 21 -14.07 -16.90 10.20
C GLY A 21 -14.89 -15.82 9.51
N LYS A 22 -14.62 -15.56 8.24
CA LYS A 22 -15.27 -14.50 7.47
C LYS A 22 -16.67 -14.88 6.96
N GLY A 23 -16.86 -16.15 6.63
CA GLY A 23 -18.03 -16.60 5.91
C GLY A 23 -17.88 -16.72 4.41
N PHE A 24 -16.65 -16.60 3.90
CA PHE A 24 -16.37 -16.79 2.48
C PHE A 24 -14.89 -16.90 2.30
N ILE A 25 -14.48 -17.35 1.12
CA ILE A 25 -13.06 -17.54 0.81
C ILE A 25 -12.69 -16.48 -0.20
N ALA A 26 -11.64 -15.71 0.11
CA ALA A 26 -11.16 -14.70 -0.77
C ALA A 26 -9.91 -15.16 -1.55
N ARG A 27 -9.57 -14.40 -2.57
CA ARG A 27 -8.45 -14.74 -3.40
C ARG A 27 -7.13 -14.84 -2.64
N LYS A 28 -7.08 -14.36 -1.42
CA LYS A 28 -5.87 -14.41 -0.59
C LYS A 28 -5.85 -15.49 0.48
N ASP A 29 -7.00 -16.05 0.81
CA ASP A 29 -7.01 -17.27 1.60
C ASP A 29 -6.42 -18.42 0.75
N MET A 30 -6.69 -18.41 -0.55
CA MET A 30 -6.20 -19.42 -1.50
C MET A 30 -4.71 -19.29 -1.79
N GLN A 31 -4.08 -18.20 -1.36
CA GLN A 31 -2.64 -18.08 -1.47
C GLN A 31 -1.88 -18.62 -0.28
N ARG A 32 -2.43 -18.51 0.93
CA ARG A 32 -1.72 -18.93 2.14
C ARG A 32 -1.79 -20.44 2.26
N LEU A 33 -2.60 -21.06 1.43
CA LEU A 33 -2.60 -22.51 1.30
C LEU A 33 -1.30 -23.07 0.74
N HIS A 34 -0.60 -22.31 -0.09
CA HIS A 34 0.70 -22.72 -0.62
C HIS A 34 1.66 -23.15 0.48
N LYS A 35 1.49 -22.61 1.67
CA LYS A 35 2.30 -22.95 2.83
C LYS A 35 1.88 -24.25 3.49
N GLU A 36 0.65 -24.71 3.23
CA GLU A 36 0.07 -25.86 3.93
C GLU A 36 -0.22 -27.05 2.99
N LEU A 37 -0.33 -26.74 1.72
CA LEU A 37 -0.56 -27.71 0.70
C LEU A 37 0.48 -27.67 -0.33
N PRO A 38 0.67 -28.80 -1.03
CA PRO A 38 1.69 -28.79 -2.05
C PRO A 38 1.21 -28.50 -3.43
N LEU A 39 1.03 -27.22 -3.66
CA LEU A 39 0.59 -26.71 -4.94
C LEU A 39 1.20 -25.36 -5.10
N SER A 40 1.41 -24.98 -6.34
CA SER A 40 1.91 -23.64 -6.64
C SER A 40 0.77 -22.66 -6.53
N LEU A 41 1.09 -21.43 -6.16
CA LEU A 41 0.14 -20.32 -6.09
C LEU A 41 -0.59 -20.25 -7.41
N GLU A 42 0.16 -20.51 -8.46
CA GLU A 42 -0.41 -20.52 -9.77
C GLU A 42 -1.54 -21.50 -9.80
N GLU A 43 -1.34 -22.74 -9.37
CA GLU A 43 -2.49 -23.69 -9.32
C GLU A 43 -3.64 -23.20 -8.38
N LEU A 44 -3.30 -22.64 -7.25
CA LEU A 44 -4.30 -22.22 -6.33
C LEU A 44 -5.27 -21.23 -6.91
N GLU A 45 -4.81 -20.30 -7.71
CA GLU A 45 -5.70 -19.36 -8.34
C GLU A 45 -6.47 -20.02 -9.45
N ASP A 46 -6.00 -21.14 -9.91
CA ASP A 46 -6.71 -21.83 -10.90
C ASP A 46 -7.87 -22.49 -10.20
N VAL A 47 -7.66 -22.92 -9.04
CA VAL A 47 -8.66 -23.55 -8.22
C VAL A 47 -9.67 -22.53 -7.83
N PHE A 48 -9.13 -21.46 -7.44
CA PHE A 48 -10.02 -20.42 -7.09
C PHE A 48 -10.91 -20.10 -8.24
N ASP A 49 -10.29 -19.91 -9.37
CA ASP A 49 -11.03 -19.46 -10.55
C ASP A 49 -12.04 -20.52 -10.98
N ALA A 50 -11.63 -21.77 -10.96
CA ALA A 50 -12.59 -22.84 -11.24
C ALA A 50 -13.81 -22.77 -10.31
N LEU A 51 -13.60 -22.42 -9.04
CA LEU A 51 -14.66 -22.52 -8.03
C LEU A 51 -15.57 -21.30 -7.92
N ASP A 52 -15.13 -20.11 -8.34
CA ASP A 52 -16.01 -18.95 -8.27
C ASP A 52 -16.88 -18.86 -9.51
N ALA A 53 -18.03 -19.51 -9.47
CA ALA A 53 -18.82 -19.67 -10.66
C ALA A 53 -19.28 -18.35 -11.21
N ASP A 54 -19.69 -17.44 -10.33
CA ASP A 54 -20.23 -16.13 -10.70
C ASP A 54 -19.16 -15.03 -10.84
N GLY A 55 -17.90 -15.35 -10.56
CA GLY A 55 -16.85 -14.37 -10.74
C GLY A 55 -16.91 -13.17 -9.82
N ASN A 56 -17.42 -13.32 -8.62
CA ASN A 56 -17.36 -12.25 -7.62
C ASN A 56 -15.95 -11.91 -7.13
N GLY A 57 -14.95 -12.75 -7.42
CA GLY A 57 -13.73 -12.76 -6.61
C GLY A 57 -13.97 -13.18 -5.17
N TYR A 58 -15.11 -13.81 -4.90
CA TYR A 58 -15.50 -14.22 -3.57
C TYR A 58 -16.02 -15.63 -3.65
N LEU A 59 -15.45 -16.52 -2.84
CA LEU A 59 -15.87 -17.92 -2.80
C LEU A 59 -16.85 -18.18 -1.65
N THR A 60 -18.09 -18.50 -2.00
CA THR A 60 -19.10 -18.77 -1.00
C THR A 60 -19.12 -20.28 -0.62
N PRO A 61 -19.67 -20.59 0.54
CA PRO A 61 -19.84 -22.00 0.89
C PRO A 61 -20.55 -22.82 -0.17
N GLN A 62 -21.63 -22.31 -0.74
CA GLN A 62 -22.36 -23.01 -1.78
C GLN A 62 -21.57 -23.19 -3.02
N GLU A 63 -20.73 -22.25 -3.36
CA GLU A 63 -19.82 -22.37 -4.48
C GLU A 63 -18.74 -23.38 -4.12
N PHE A 64 -18.24 -23.32 -2.89
CA PHE A 64 -17.25 -24.30 -2.45
C PHE A 64 -17.85 -25.72 -2.40
N THR A 65 -19.03 -25.86 -1.77
CA THR A 65 -19.66 -27.16 -1.66
C THR A 65 -19.99 -27.72 -3.06
N THR A 66 -20.49 -26.88 -3.97
CA THR A 66 -20.86 -27.36 -5.28
C THR A 66 -19.67 -27.95 -6.02
N GLY A 67 -18.54 -27.27 -5.93
CA GLY A 67 -17.34 -27.74 -6.61
C GLY A 67 -16.90 -29.08 -6.07
N PHE A 68 -16.81 -29.17 -4.75
CA PHE A 68 -16.37 -30.43 -4.14
C PHE A 68 -17.27 -31.58 -4.50
N SER A 69 -18.55 -31.30 -4.65
CA SER A 69 -19.52 -32.34 -4.97
C SER A 69 -19.37 -32.88 -6.40
N HIS A 70 -19.09 -32.01 -7.38
CA HIS A 70 -18.72 -32.47 -8.72
C HIS A 70 -17.56 -33.45 -8.66
N PHE A 71 -16.59 -33.14 -7.81
CA PHE A 71 -15.41 -33.95 -7.61
C PHE A 71 -15.72 -35.25 -6.85
N PHE A 72 -16.29 -35.13 -5.69
CA PHE A 72 -16.56 -36.23 -4.85
C PHE A 72 -17.25 -37.37 -5.58
N PHE A 73 -17.93 -37.07 -6.65
CA PHE A 73 -18.79 -38.03 -7.32
C PHE A 73 -18.31 -38.50 -8.70
N SER A 74 -17.00 -38.60 -8.89
CA SER A 74 -16.43 -39.09 -10.15
C SER A 74 -15.44 -40.24 -10.01
N GLN B 3 1.34 13.93 -23.70
CA GLN B 3 1.36 15.21 -24.40
C GLN B 3 0.49 15.16 -25.70
N LEU B 4 0.86 15.96 -26.67
CA LEU B 4 -0.06 16.51 -27.63
C LEU B 4 -0.60 15.51 -28.60
N VAL B 5 0.23 14.55 -29.04
CA VAL B 5 -0.30 13.50 -29.90
C VAL B 5 -1.45 12.74 -29.22
N MET B 6 -1.27 12.32 -27.99
CA MET B 6 -2.35 11.75 -27.26
C MET B 6 -3.52 12.77 -27.09
N LEU B 7 -3.23 13.97 -26.68
CA LEU B 7 -4.30 14.90 -26.49
C LEU B 7 -5.11 15.12 -27.71
N ARG B 8 -4.61 14.73 -28.83
CA ARG B 8 -5.30 14.99 -30.00
C ARG B 8 -6.33 13.94 -30.18
N LYS B 9 -6.03 12.74 -29.74
CA LYS B 9 -6.92 11.67 -29.83
C LYS B 9 -7.86 11.67 -28.71
N ALA B 10 -7.49 12.20 -27.56
CA ALA B 10 -8.47 12.40 -26.46
C ALA B 10 -9.62 13.29 -26.88
N GLN B 11 -9.34 14.41 -27.52
CA GLN B 11 -10.36 15.34 -27.87
C GLN B 11 -11.26 14.79 -29.03
N GLU B 12 -10.62 14.18 -30.03
CA GLU B 12 -11.36 13.57 -31.11
C GLU B 12 -12.41 12.59 -30.56
N PHE B 13 -12.06 11.85 -29.53
CA PHE B 13 -12.96 10.93 -28.90
C PHE B 13 -13.90 11.54 -27.86
N PHE B 14 -13.47 12.55 -27.15
CA PHE B 14 -14.37 13.24 -26.24
C PHE B 14 -15.54 13.86 -27.00
N GLN B 15 -15.25 14.47 -28.13
CA GLN B 15 -16.28 15.02 -28.99
C GLN B 15 -17.12 13.93 -29.65
N THR B 16 -16.53 12.76 -29.86
CA THR B 16 -17.30 11.65 -30.41
C THR B 16 -18.38 11.18 -29.44
N CYS B 17 -18.06 11.14 -28.15
CA CYS B 17 -19.02 10.84 -27.10
C CYS B 17 -19.96 12.03 -26.79
N ASP B 18 -19.40 13.24 -26.76
CA ASP B 18 -20.17 14.45 -26.57
C ASP B 18 -20.56 15.00 -27.93
N ALA B 19 -21.43 14.24 -28.60
CA ALA B 19 -21.84 14.53 -29.98
C ALA B 19 -22.66 15.83 -30.08
N GLU B 20 -23.34 16.12 -28.98
CA GLU B 20 -24.20 17.28 -28.86
C GLU B 20 -23.51 18.57 -28.54
N GLY B 21 -22.22 18.53 -28.30
CA GLY B 21 -21.44 19.74 -28.10
C GLY B 21 -21.72 20.38 -26.77
N LYS B 22 -22.09 19.59 -25.78
CA LYS B 22 -22.44 20.15 -24.48
C LYS B 22 -21.22 20.63 -23.71
N GLY B 23 -20.06 20.06 -23.98
CA GLY B 23 -18.88 20.29 -23.19
C GLY B 23 -18.63 19.27 -22.07
N PHE B 24 -19.37 18.18 -22.06
CA PHE B 24 -19.21 17.16 -21.06
C PHE B 24 -19.93 15.94 -21.58
N ILE B 25 -19.68 14.81 -20.95
CA ILE B 25 -20.32 13.57 -21.33
C ILE B 25 -21.24 13.13 -20.20
N ALA B 26 -22.45 12.77 -20.55
CA ALA B 26 -23.46 12.29 -19.61
C ALA B 26 -23.59 10.80 -19.67
N ARG B 27 -24.34 10.23 -18.75
CA ARG B 27 -24.51 8.78 -18.71
C ARG B 27 -25.17 8.23 -19.96
N LYS B 28 -26.14 8.93 -20.52
CA LYS B 28 -26.83 8.41 -21.71
C LYS B 28 -26.11 8.70 -22.99
N ASP B 29 -25.00 9.42 -22.90
CA ASP B 29 -24.05 9.47 -23.99
C ASP B 29 -23.44 8.07 -24.17
N MET B 30 -22.97 7.49 -23.06
CA MET B 30 -22.41 6.16 -23.09
C MET B 30 -23.44 5.14 -23.52
N GLN B 31 -24.67 5.28 -23.04
CA GLN B 31 -25.77 4.46 -23.54
C GLN B 31 -25.86 4.51 -25.06
N ARG B 32 -25.86 5.72 -25.60
CA ARG B 32 -25.95 5.96 -27.04
C ARG B 32 -24.81 5.31 -27.83
N LEU B 33 -23.71 5.00 -27.16
CA LEU B 33 -22.52 4.47 -27.83
C LEU B 33 -22.55 2.98 -28.12
N HIS B 34 -23.45 2.24 -27.46
CA HIS B 34 -23.72 0.82 -27.75
C HIS B 34 -24.20 0.58 -29.20
N LYS B 35 -24.78 1.58 -29.79
CA LYS B 35 -25.24 1.50 -31.14
C LYS B 35 -24.10 1.77 -32.12
N GLU B 36 -23.06 2.45 -31.65
CA GLU B 36 -21.88 2.76 -32.47
C GLU B 36 -20.73 1.76 -32.33
N LEU B 37 -20.49 1.27 -31.12
CA LEU B 37 -19.34 0.44 -30.86
C LEU B 37 -19.79 -0.95 -30.43
N PRO B 38 -18.89 -1.89 -30.54
CA PRO B 38 -19.12 -3.23 -30.14
C PRO B 38 -19.00 -3.26 -28.65
N LEU B 39 -19.87 -2.57 -27.93
CA LEU B 39 -19.73 -2.57 -26.48
C LEU B 39 -21.11 -2.83 -25.93
N SER B 40 -21.16 -3.38 -24.74
CA SER B 40 -22.39 -3.74 -24.16
C SER B 40 -22.57 -2.74 -23.08
N LEU B 41 -23.81 -2.40 -22.81
CA LEU B 41 -24.12 -1.38 -21.86
C LEU B 41 -23.46 -1.46 -20.56
N GLU B 42 -23.58 -2.61 -19.94
CA GLU B 42 -23.02 -2.70 -18.60
C GLU B 42 -21.57 -2.34 -18.73
N GLU B 43 -20.91 -2.85 -19.74
CA GLU B 43 -19.51 -2.43 -19.82
C GLU B 43 -19.44 -0.90 -19.98
N LEU B 44 -20.24 -0.34 -20.89
CA LEU B 44 -20.26 1.13 -21.09
C LEU B 44 -20.63 1.91 -19.82
N GLU B 45 -21.46 1.34 -18.95
CA GLU B 45 -21.74 1.98 -17.64
C GLU B 45 -20.48 2.03 -16.79
N ASP B 46 -19.70 0.95 -16.84
CA ASP B 46 -18.44 0.87 -16.11
C ASP B 46 -17.41 1.87 -16.65
N VAL B 47 -17.29 2.00 -17.95
CA VAL B 47 -16.34 2.98 -18.45
C VAL B 47 -16.68 4.35 -17.87
N PHE B 48 -17.96 4.66 -17.79
CA PHE B 48 -18.39 5.93 -17.27
C PHE B 48 -17.90 6.10 -15.86
N ASP B 49 -18.27 5.19 -14.96
CA ASP B 49 -17.92 5.35 -13.53
C ASP B 49 -16.41 5.28 -13.33
N ALA B 50 -15.75 4.36 -14.03
CA ALA B 50 -14.29 4.29 -13.99
C ALA B 50 -13.66 5.64 -14.37
N LEU B 51 -14.28 6.33 -15.34
CA LEU B 51 -13.82 7.65 -15.79
C LEU B 51 -14.27 8.79 -14.88
N ASP B 52 -15.48 8.71 -14.34
CA ASP B 52 -16.01 9.76 -13.49
C ASP B 52 -15.31 9.72 -12.14
N ALA B 53 -14.15 10.39 -12.08
CA ALA B 53 -13.28 10.31 -10.89
C ALA B 53 -13.94 10.91 -9.66
N ASP B 54 -14.51 12.10 -9.78
CA ASP B 54 -15.14 12.77 -8.65
C ASP B 54 -16.60 12.36 -8.38
N GLY B 55 -17.17 11.49 -9.22
CA GLY B 55 -18.53 11.02 -9.03
C GLY B 55 -19.60 12.02 -9.37
N ASN B 56 -19.27 12.91 -10.27
CA ASN B 56 -20.14 13.96 -10.66
C ASN B 56 -21.10 13.62 -11.76
N GLY B 57 -21.25 12.37 -12.09
CA GLY B 57 -22.28 12.03 -13.04
C GLY B 57 -22.10 12.72 -14.34
N TYR B 58 -21.09 13.55 -14.40
CA TYR B 58 -20.78 14.31 -15.58
C TYR B 58 -19.35 14.07 -15.82
N LEU B 59 -19.05 13.81 -17.06
CA LEU B 59 -17.66 13.50 -17.46
C LEU B 59 -17.02 14.70 -18.13
N THR B 60 -16.00 15.23 -17.49
CA THR B 60 -15.26 16.40 -17.95
C THR B 60 -14.24 15.98 -19.00
N PRO B 61 -13.83 16.94 -19.88
CA PRO B 61 -12.63 16.74 -20.73
C PRO B 61 -11.40 16.28 -19.97
N GLN B 62 -11.00 16.98 -18.90
CA GLN B 62 -9.79 16.57 -18.17
C GLN B 62 -9.93 15.16 -17.57
N GLU B 63 -11.11 14.84 -17.04
CA GLU B 63 -11.35 13.48 -16.55
C GLU B 63 -11.36 12.45 -17.69
N PHE B 64 -12.01 12.80 -18.78
CA PHE B 64 -11.97 11.93 -19.95
C PHE B 64 -10.53 11.75 -20.46
N THR B 65 -9.79 12.85 -20.56
CA THR B 65 -8.44 12.83 -21.09
C THR B 65 -7.50 12.03 -20.19
N THR B 66 -7.58 12.20 -18.87
CA THR B 66 -6.61 11.51 -18.02
C THR B 66 -6.84 10.00 -18.03
N GLY B 67 -8.07 9.59 -18.25
CA GLY B 67 -8.38 8.19 -18.49
C GLY B 67 -7.62 7.77 -19.75
N PHE B 68 -7.89 8.43 -20.89
CA PHE B 68 -7.17 8.11 -22.08
C PHE B 68 -5.67 8.20 -21.91
N SER B 69 -5.20 9.07 -21.02
CA SER B 69 -3.75 9.18 -20.80
C SER B 69 -3.24 7.89 -20.21
N HIS B 70 -3.90 7.37 -19.17
CA HIS B 70 -3.47 6.10 -18.55
C HIS B 70 -3.44 5.03 -19.63
N PHE B 71 -4.51 4.92 -20.42
CA PHE B 71 -4.53 3.92 -21.48
C PHE B 71 -3.48 4.13 -22.57
N PHE B 72 -3.35 5.37 -23.01
CA PHE B 72 -2.42 5.68 -24.06
C PHE B 72 -1.02 5.27 -23.78
N PHE B 73 -0.54 5.51 -22.59
CA PHE B 73 0.86 5.20 -22.30
C PHE B 73 1.17 3.74 -21.95
N SER B 74 0.45 3.17 -20.99
CA SER B 74 0.50 1.71 -20.85
C SER B 74 -0.64 1.16 -20.07
N GLY C 2 9.17 0.01 -40.51
CA GLY C 2 8.00 -0.46 -39.63
C GLY C 2 8.11 -1.91 -39.10
N GLN C 3 8.83 -2.75 -39.84
CA GLN C 3 9.01 -4.12 -39.50
C GLN C 3 9.67 -4.38 -38.13
N LEU C 4 10.72 -3.65 -37.80
CA LEU C 4 11.47 -3.94 -36.60
C LEU C 4 10.66 -3.62 -35.35
N VAL C 5 9.70 -2.70 -35.44
CA VAL C 5 8.89 -2.38 -34.28
C VAL C 5 7.87 -3.47 -34.08
N MET C 6 7.36 -4.01 -35.18
CA MET C 6 6.50 -5.18 -35.09
C MET C 6 7.26 -6.34 -34.43
N LEU C 7 8.43 -6.64 -34.95
CA LEU C 7 9.19 -7.78 -34.45
C LEU C 7 9.44 -7.65 -32.98
N ARG C 8 9.82 -6.44 -32.53
CA ARG C 8 10.14 -6.24 -31.13
C ARG C 8 8.93 -6.57 -30.24
N LYS C 9 7.75 -6.12 -30.63
CA LYS C 9 6.56 -6.51 -29.91
C LYS C 9 6.22 -7.99 -30.06
N ALA C 10 6.29 -8.52 -31.27
CA ALA C 10 6.18 -9.99 -31.44
C ALA C 10 7.08 -10.83 -30.49
N GLN C 11 8.33 -10.41 -30.36
CA GLN C 11 9.22 -11.06 -29.42
C GLN C 11 8.79 -10.85 -27.98
N GLU C 12 8.36 -9.62 -27.69
CA GLU C 12 7.90 -9.29 -26.35
C GLU C 12 6.71 -10.19 -25.95
N PHE C 13 5.74 -10.33 -26.86
CA PHE C 13 4.52 -10.98 -26.51
C PHE C 13 4.65 -12.50 -26.55
N PHE C 14 5.50 -12.99 -27.43
CA PHE C 14 5.83 -14.42 -27.40
C PHE C 14 6.48 -14.77 -26.06
N GLN C 15 7.40 -13.93 -25.57
CA GLN C 15 8.17 -14.22 -24.37
C GLN C 15 7.26 -14.39 -23.15
N THR C 16 6.12 -13.73 -23.16
CA THR C 16 5.17 -13.76 -22.03
C THR C 16 4.10 -14.82 -22.16
N CYS C 17 3.71 -15.19 -23.40
CA CYS C 17 2.86 -16.38 -23.61
C CYS C 17 3.61 -17.68 -23.28
N ASP C 18 4.83 -17.81 -23.76
CA ASP C 18 5.71 -18.90 -23.39
C ASP C 18 6.47 -18.47 -22.13
N ALA C 19 5.73 -18.40 -21.03
CA ALA C 19 6.26 -17.87 -19.79
C ALA C 19 7.46 -18.69 -19.26
N GLU C 20 7.55 -20.00 -19.55
CA GLU C 20 8.67 -20.75 -18.92
C GLU C 20 9.92 -20.68 -19.73
N GLY C 21 9.69 -20.75 -21.04
CA GLY C 21 10.74 -20.77 -22.03
C GLY C 21 10.80 -21.96 -22.95
N LYS C 22 9.71 -22.64 -23.20
CA LYS C 22 9.76 -23.81 -24.07
C LYS C 22 10.17 -23.64 -25.47
N GLY C 23 9.74 -22.58 -26.12
CA GLY C 23 10.14 -22.36 -27.50
C GLY C 23 8.94 -22.55 -28.35
N PHE C 24 7.83 -22.55 -27.67
CA PHE C 24 6.56 -22.68 -28.35
C PHE C 24 5.47 -22.33 -27.34
N ILE C 25 4.29 -22.04 -27.85
CA ILE C 25 3.17 -21.67 -27.00
C ILE C 25 2.19 -22.81 -27.12
N ALA C 26 1.70 -23.25 -25.98
CA ALA C 26 0.73 -24.33 -25.95
C ALA C 26 -0.65 -23.80 -25.65
N ARG C 27 -1.65 -24.63 -25.97
CA ARG C 27 -3.05 -24.26 -25.70
C ARG C 27 -3.22 -23.88 -24.25
N LYS C 28 -2.45 -24.54 -23.38
CA LYS C 28 -2.49 -24.24 -21.95
C LYS C 28 -1.87 -22.86 -21.61
N ASP C 29 -0.99 -22.36 -22.45
CA ASP C 29 -0.54 -21.04 -22.23
C ASP C 29 -1.69 -20.06 -22.48
N MET C 30 -2.52 -20.33 -23.46
CA MET C 30 -3.68 -19.45 -23.75
C MET C 30 -4.66 -19.34 -22.57
N GLN C 31 -4.99 -20.49 -21.96
CA GLN C 31 -5.88 -20.50 -20.79
C GLN C 31 -5.31 -19.67 -19.63
N ARG C 32 -4.00 -19.73 -19.46
CA ARG C 32 -3.35 -18.97 -18.40
C ARG C 32 -3.39 -17.48 -18.60
N LEU C 33 -3.74 -17.04 -19.79
CA LEU C 33 -3.87 -15.63 -20.08
C LEU C 33 -5.18 -15.02 -19.64
N HIS C 34 -6.22 -15.84 -19.53
CA HIS C 34 -7.54 -15.33 -19.04
C HIS C 34 -7.36 -14.57 -17.75
N LYS C 35 -6.40 -14.98 -16.94
CA LYS C 35 -6.11 -14.30 -15.70
C LYS C 35 -5.57 -12.88 -15.92
N GLU C 36 -4.52 -12.75 -16.73
CA GLU C 36 -3.92 -11.45 -17.03
C GLU C 36 -4.62 -10.66 -18.11
N LEU C 37 -5.35 -11.33 -18.99
CA LEU C 37 -5.95 -10.71 -20.18
C LEU C 37 -7.45 -10.84 -20.08
N PRO C 38 -8.21 -9.86 -20.57
CA PRO C 38 -9.70 -9.90 -20.46
C PRO C 38 -10.46 -10.61 -21.60
N LEU C 39 -10.10 -11.85 -21.86
CA LEU C 39 -10.83 -12.68 -22.81
C LEU C 39 -11.34 -13.91 -22.09
N SER C 40 -12.37 -14.51 -22.64
CA SER C 40 -12.91 -15.73 -22.08
C SER C 40 -12.18 -16.88 -22.74
N LEU C 41 -11.95 -17.96 -22.03
CA LEU C 41 -11.21 -19.04 -22.63
C LEU C 41 -11.79 -19.45 -23.93
N GLU C 42 -13.10 -19.39 -24.06
CA GLU C 42 -13.71 -19.76 -25.31
C GLU C 42 -13.08 -18.95 -26.40
N GLU C 43 -12.76 -17.71 -26.07
CA GLU C 43 -12.12 -16.83 -27.03
C GLU C 43 -10.63 -17.14 -27.15
N LEU C 44 -9.97 -17.08 -26.01
CA LEU C 44 -8.56 -17.31 -25.87
C LEU C 44 -8.17 -18.54 -26.58
N GLU C 45 -9.10 -19.43 -26.74
CA GLU C 45 -8.82 -20.68 -27.36
C GLU C 45 -9.03 -20.66 -28.81
N ASP C 46 -9.74 -19.66 -29.30
CA ASP C 46 -9.94 -19.54 -30.71
C ASP C 46 -8.78 -18.76 -31.31
N VAL C 47 -8.01 -18.12 -30.47
CA VAL C 47 -6.92 -17.35 -30.89
C VAL C 47 -5.76 -18.31 -31.07
N PHE C 48 -5.70 -19.43 -30.35
CA PHE C 48 -4.73 -20.48 -30.54
C PHE C 48 -4.95 -21.17 -31.90
N ASP C 49 -6.23 -21.39 -32.15
CA ASP C 49 -6.51 -22.05 -33.39
C ASP C 49 -6.18 -21.16 -34.57
N ALA C 50 -6.60 -19.90 -34.50
CA ALA C 50 -6.28 -18.97 -35.57
C ALA C 50 -4.75 -18.79 -35.83
N LEU C 51 -3.95 -18.83 -34.76
CA LEU C 51 -2.53 -18.63 -34.86
C LEU C 51 -1.75 -19.91 -35.17
N ASP C 52 -2.20 -21.05 -34.65
CA ASP C 52 -1.57 -22.33 -34.93
C ASP C 52 -1.95 -22.82 -36.35
N ALA C 53 -1.27 -22.28 -37.35
CA ALA C 53 -1.65 -22.48 -38.73
C ALA C 53 -1.66 -23.98 -39.11
N ASP C 54 -0.61 -24.71 -38.71
CA ASP C 54 -0.43 -26.09 -39.20
C ASP C 54 -1.19 -27.11 -38.37
N GLY C 55 -1.78 -26.67 -37.27
CA GLY C 55 -2.55 -27.58 -36.40
C GLY C 55 -1.70 -28.50 -35.55
N ASN C 56 -0.45 -28.14 -35.29
CA ASN C 56 0.41 -28.97 -34.45
C ASN C 56 -0.12 -29.13 -33.05
N GLY C 57 -1.03 -28.25 -32.61
CA GLY C 57 -1.20 -28.00 -31.18
C GLY C 57 0.03 -27.36 -30.56
N TYR C 58 0.97 -26.89 -31.41
CA TYR C 58 2.17 -26.17 -30.98
C TYR C 58 2.19 -24.85 -31.73
N LEU C 59 2.28 -23.74 -30.98
CA LEU C 59 2.40 -22.40 -31.57
C LEU C 59 3.86 -21.94 -31.64
N THR C 60 4.42 -21.90 -32.84
CA THR C 60 5.83 -21.55 -33.02
C THR C 60 6.00 -20.05 -33.04
N PRO C 61 7.21 -19.57 -32.81
CA PRO C 61 7.47 -18.14 -33.00
C PRO C 61 7.04 -17.60 -34.35
N GLN C 62 7.37 -18.29 -35.43
CA GLN C 62 7.01 -17.83 -36.76
C GLN C 62 5.48 -17.71 -36.93
N GLU C 63 4.73 -18.72 -36.52
CA GLU C 63 3.29 -18.65 -36.59
C GLU C 63 2.74 -17.49 -35.80
N PHE C 64 3.39 -17.21 -34.67
CA PHE C 64 3.02 -16.09 -33.79
C PHE C 64 3.36 -14.76 -34.45
N THR C 65 4.52 -14.68 -35.04
CA THR C 65 4.96 -13.46 -35.72
C THR C 65 4.08 -13.14 -36.88
N THR C 66 3.84 -14.16 -37.71
CA THR C 66 3.05 -14.06 -38.95
C THR C 66 1.65 -13.59 -38.61
N GLY C 67 1.08 -14.12 -37.53
CA GLY C 67 -0.22 -13.69 -37.06
C GLY C 67 -0.18 -12.27 -36.50
N PHE C 68 0.84 -11.95 -35.72
CA PHE C 68 0.96 -10.63 -35.19
C PHE C 68 1.34 -9.63 -36.26
N SER C 69 2.08 -10.07 -37.29
CA SER C 69 2.37 -9.21 -38.40
C SER C 69 1.07 -8.85 -39.16
N HIS C 70 0.14 -9.78 -39.31
CA HIS C 70 -1.12 -9.46 -40.02
C HIS C 70 -1.91 -8.38 -39.27
N PHE C 71 -1.99 -8.54 -37.95
CA PHE C 71 -2.66 -7.57 -37.12
C PHE C 71 -1.95 -6.24 -37.16
N PHE C 72 -0.63 -6.27 -36.92
CA PHE C 72 0.16 -5.04 -36.83
C PHE C 72 -0.07 -4.07 -37.99
N PHE C 73 -0.06 -4.61 -39.19
CA PHE C 73 0.02 -3.82 -40.41
C PHE C 73 -1.25 -3.44 -41.03
N SER C 74 -2.36 -3.76 -40.43
CA SER C 74 -3.65 -3.31 -40.97
C SER C 74 -3.95 -1.95 -40.36
N GLN D 3 17.18 24.70 9.09
CA GLN D 3 17.03 24.88 7.64
C GLN D 3 18.19 24.28 6.84
N LEU D 4 19.33 24.25 7.43
CA LEU D 4 20.58 24.06 6.66
C LEU D 4 20.85 22.65 6.18
N VAL D 5 20.36 21.63 6.87
CA VAL D 5 20.42 20.25 6.36
C VAL D 5 19.48 20.12 5.16
N MET D 6 18.25 20.63 5.31
CA MET D 6 17.23 20.60 4.24
C MET D 6 17.76 21.25 2.96
N LEU D 7 18.46 22.36 3.14
CA LEU D 7 19.02 23.08 2.02
C LEU D 7 20.04 22.26 1.28
N ARG D 8 21.02 21.75 1.97
CA ARG D 8 22.02 20.94 1.33
C ARG D 8 21.49 19.82 0.49
N LYS D 9 20.30 19.35 0.78
CA LYS D 9 19.67 18.33 -0.05
C LYS D 9 19.04 18.98 -1.25
N ALA D 10 18.14 19.94 -1.02
CA ALA D 10 17.47 20.62 -2.14
C ALA D 10 18.53 20.95 -3.26
N GLN D 11 19.71 21.38 -2.83
CA GLN D 11 20.79 21.60 -3.75
C GLN D 11 21.15 20.29 -4.44
N GLU D 12 21.73 19.37 -3.68
CA GLU D 12 22.14 18.08 -4.21
C GLU D 12 21.14 17.57 -5.27
N PHE D 13 19.85 17.66 -4.98
CA PHE D 13 18.80 17.21 -5.92
C PHE D 13 18.63 18.15 -7.10
N PHE D 14 18.65 19.46 -6.87
CA PHE D 14 18.60 20.45 -7.97
C PHE D 14 19.75 20.22 -8.99
N GLN D 15 20.96 20.02 -8.46
CA GLN D 15 22.13 19.71 -9.28
C GLN D 15 21.99 18.33 -9.96
N THR D 16 21.23 17.44 -9.35
CA THR D 16 20.96 16.14 -9.91
C THR D 16 19.98 16.27 -11.05
N CYS D 17 18.99 17.15 -10.90
CA CYS D 17 18.05 17.41 -11.97
C CYS D 17 18.71 18.18 -13.12
N ASP D 18 19.48 19.21 -12.80
CA ASP D 18 20.16 20.00 -13.81
C ASP D 18 21.52 19.35 -14.08
N ALA D 19 21.57 18.47 -15.08
CA ALA D 19 22.81 17.76 -15.39
C ALA D 19 23.82 18.73 -16.00
N GLU D 20 23.33 19.69 -16.79
CA GLU D 20 24.22 20.60 -17.52
C GLU D 20 24.50 21.90 -16.78
N GLY D 21 24.39 21.88 -15.46
CA GLY D 21 24.74 23.04 -14.63
C GLY D 21 24.26 24.38 -15.21
N LYS D 22 23.11 24.35 -15.89
CA LYS D 22 22.60 25.50 -16.60
C LYS D 22 22.19 26.58 -15.64
N GLY D 23 21.89 26.23 -14.40
CA GLY D 23 21.42 27.19 -13.40
C GLY D 23 19.92 27.19 -13.20
N PHE D 24 19.24 26.18 -13.75
CA PHE D 24 17.78 26.02 -13.62
C PHE D 24 17.43 24.71 -14.27
N ILE D 25 16.25 24.23 -13.90
CA ILE D 25 15.75 22.93 -14.36
C ILE D 25 14.65 23.19 -15.42
N ALA D 26 14.81 22.53 -16.57
CA ALA D 26 13.88 22.62 -17.67
C ALA D 26 13.11 21.32 -17.79
N ARG D 27 12.05 21.35 -18.56
CA ARG D 27 11.22 20.18 -18.75
C ARG D 27 11.97 18.95 -19.23
N LYS D 28 12.94 19.15 -20.09
CA LYS D 28 13.78 18.05 -20.58
C LYS D 28 14.48 17.37 -19.41
N ASP D 29 15.08 18.17 -18.55
CA ASP D 29 15.60 17.67 -17.28
C ASP D 29 14.55 16.96 -16.43
N MET D 30 13.26 17.14 -16.72
CA MET D 30 12.21 16.36 -16.06
C MET D 30 11.91 15.08 -16.82
N GLN D 31 11.87 15.18 -18.14
CA GLN D 31 11.72 13.99 -18.96
C GLN D 31 12.84 12.98 -18.68
N ARG D 32 14.08 13.37 -18.94
CA ARG D 32 15.21 12.41 -18.90
C ARG D 32 15.21 11.55 -17.62
N LEU D 33 14.70 12.08 -16.52
CA LEU D 33 14.68 11.34 -15.26
C LEU D 33 13.58 10.28 -15.21
N HIS D 34 12.69 10.25 -16.19
CA HIS D 34 11.86 9.07 -16.39
C HIS D 34 12.78 7.88 -16.70
N LYS D 35 14.08 8.09 -16.75
CA LYS D 35 15.00 7.00 -17.04
C LYS D 35 15.55 6.30 -15.80
N GLU D 36 16.00 7.08 -14.82
CA GLU D 36 16.47 6.53 -13.53
C GLU D 36 15.49 6.71 -12.37
N LEU D 37 14.28 7.21 -12.64
CA LEU D 37 13.23 7.33 -11.61
C LEU D 37 11.94 6.64 -12.03
N PRO D 38 11.25 5.95 -11.08
CA PRO D 38 10.03 5.21 -11.40
C PRO D 38 8.75 6.08 -11.44
N LEU D 39 8.79 7.14 -12.24
CA LEU D 39 7.65 8.03 -12.42
C LEU D 39 7.28 8.11 -13.88
N SER D 40 6.02 8.41 -14.11
CA SER D 40 5.54 8.59 -15.47
C SER D 40 5.95 9.93 -16.00
N LEU D 41 5.98 10.06 -17.32
CA LEU D 41 6.26 11.33 -17.94
C LEU D 41 5.20 12.35 -17.57
N GLU D 42 3.95 11.94 -17.53
CA GLU D 42 2.89 12.87 -17.12
C GLU D 42 3.11 13.37 -15.70
N GLU D 43 3.36 12.45 -14.77
CA GLU D 43 3.72 12.80 -13.39
C GLU D 43 4.91 13.80 -13.36
N LEU D 44 5.99 13.45 -14.02
CA LEU D 44 7.17 14.28 -14.02
C LEU D 44 6.81 15.72 -14.38
N GLU D 45 5.92 15.93 -15.33
CA GLU D 45 5.50 17.32 -15.63
C GLU D 45 4.47 17.85 -14.67
N ASP D 46 3.71 16.98 -14.03
CA ASP D 46 2.90 17.39 -12.89
C ASP D 46 3.79 17.95 -11.78
N VAL D 47 4.93 17.30 -11.59
CA VAL D 47 5.99 17.79 -10.70
C VAL D 47 6.49 19.17 -11.11
N PHE D 48 6.76 19.34 -12.41
CA PHE D 48 7.41 20.55 -12.90
C PHE D 48 6.61 21.81 -12.54
N ASP D 49 5.33 21.85 -12.87
CA ASP D 49 4.55 23.08 -12.67
C ASP D 49 3.97 23.27 -11.26
N ALA D 50 3.85 22.17 -10.52
CA ALA D 50 3.62 22.25 -9.08
C ALA D 50 4.76 23.03 -8.44
N LEU D 51 5.98 22.69 -8.82
CA LEU D 51 7.17 23.46 -8.39
C LEU D 51 7.39 24.79 -9.15
N ASP D 52 7.06 24.84 -10.44
CA ASP D 52 7.12 26.06 -11.24
C ASP D 52 6.00 26.99 -10.77
N ALA D 53 6.21 27.59 -9.60
CA ALA D 53 5.18 28.41 -8.94
C ALA D 53 4.67 29.53 -9.86
N ASP D 54 5.57 30.29 -10.48
CA ASP D 54 5.21 31.46 -11.29
C ASP D 54 4.97 31.15 -12.77
N GLY D 55 5.11 29.88 -13.13
CA GLY D 55 4.82 29.44 -14.51
C GLY D 55 5.80 29.90 -15.56
N ASN D 56 7.03 30.23 -15.17
CA ASN D 56 8.04 30.63 -16.15
C ASN D 56 8.28 29.55 -17.21
N GLY D 57 7.98 28.30 -16.88
CA GLY D 57 8.63 27.18 -17.55
C GLY D 57 10.09 27.13 -17.18
N TYR D 58 10.43 27.76 -16.06
CA TYR D 58 11.81 28.00 -15.63
C TYR D 58 11.92 27.66 -14.13
N LEU D 59 12.45 26.49 -13.81
CA LEU D 59 12.57 26.07 -12.42
C LEU D 59 13.84 26.68 -11.81
N THR D 60 13.66 27.60 -10.87
CA THR D 60 14.77 28.24 -10.18
C THR D 60 15.14 27.53 -8.90
N PRO D 61 16.38 27.71 -8.42
CA PRO D 61 16.81 27.03 -7.21
C PRO D 61 15.89 27.28 -6.02
N GLN D 62 15.42 28.51 -5.83
CA GLN D 62 14.57 28.74 -4.66
C GLN D 62 13.15 28.23 -4.84
N GLU D 63 12.63 28.31 -6.05
CA GLU D 63 11.42 27.58 -6.35
C GLU D 63 11.53 26.08 -5.97
N PHE D 64 12.59 25.43 -6.46
CA PHE D 64 12.89 24.04 -6.09
C PHE D 64 13.02 23.87 -4.59
N THR D 65 13.76 24.78 -3.94
CA THR D 65 13.95 24.73 -2.47
C THR D 65 12.65 24.95 -1.70
N THR D 66 11.86 25.91 -2.14
CA THR D 66 10.57 26.15 -1.52
C THR D 66 9.65 24.93 -1.62
N GLY D 67 9.76 24.14 -2.69
CA GLY D 67 8.96 22.94 -2.79
C GLY D 67 9.47 21.82 -1.87
N PHE D 68 10.81 21.68 -1.85
CA PHE D 68 11.46 20.69 -1.03
C PHE D 68 11.41 21.03 0.46
N SER D 69 11.27 22.28 0.83
CA SER D 69 11.05 22.66 2.21
C SER D 69 9.66 22.35 2.72
N HIS D 70 8.66 22.66 1.91
CA HIS D 70 7.27 22.31 2.24
C HIS D 70 7.14 20.80 2.52
N PHE D 71 7.82 20.01 1.69
CA PHE D 71 7.84 18.55 1.85
C PHE D 71 8.64 18.14 3.06
N PHE D 72 9.86 18.66 3.18
CA PHE D 72 10.74 18.28 4.30
C PHE D 72 10.04 18.41 5.64
N PHE D 73 9.50 19.57 5.95
CA PHE D 73 8.83 19.81 7.21
C PHE D 73 7.35 19.58 7.04
N GLN E 3 -38.84 -5.94 17.01
CA GLN E 3 -38.24 -7.26 16.67
C GLN E 3 -38.54 -7.63 15.24
N LEU E 4 -39.76 -8.11 15.01
CA LEU E 4 -40.00 -8.94 13.82
C LEU E 4 -40.42 -8.20 12.56
N VAL E 5 -41.07 -7.04 12.69
CA VAL E 5 -41.41 -6.28 11.51
C VAL E 5 -40.22 -5.45 11.09
N MET E 6 -39.52 -4.90 12.06
CA MET E 6 -38.23 -4.32 11.79
C MET E 6 -37.38 -5.29 11.04
N LEU E 7 -37.28 -6.49 11.60
CA LEU E 7 -36.39 -7.55 11.02
C LEU E 7 -36.76 -7.89 9.61
N ARG E 8 -38.05 -8.06 9.32
CA ARG E 8 -38.36 -8.42 7.95
C ARG E 8 -38.00 -7.27 6.99
N LYS E 9 -37.96 -6.04 7.47
CA LYS E 9 -37.50 -4.96 6.64
C LYS E 9 -35.97 -4.93 6.61
N ALA E 10 -35.34 -5.21 7.73
CA ALA E 10 -33.91 -5.38 7.77
C ALA E 10 -33.41 -6.38 6.73
N GLN E 11 -34.10 -7.52 6.68
CA GLN E 11 -33.80 -8.61 5.77
C GLN E 11 -34.16 -8.32 4.31
N GLU E 12 -35.13 -7.48 4.07
CA GLU E 12 -35.52 -7.18 2.76
C GLU E 12 -34.54 -6.21 2.16
N PHE E 13 -34.03 -5.30 2.95
CA PHE E 13 -33.01 -4.36 2.48
C PHE E 13 -31.58 -4.96 2.39
N PHE E 14 -31.20 -5.74 3.36
CA PHE E 14 -29.97 -6.47 3.30
C PHE E 14 -29.90 -7.33 2.04
N GLN E 15 -31.00 -8.03 1.75
CA GLN E 15 -31.10 -8.86 0.54
C GLN E 15 -31.11 -8.01 -0.71
N THR E 16 -31.48 -6.73 -0.60
CA THR E 16 -31.37 -5.82 -1.73
C THR E 16 -29.93 -5.37 -1.95
N CYS E 17 -29.21 -5.10 -0.87
CA CYS E 17 -27.83 -4.65 -0.95
C CYS E 17 -26.91 -5.78 -1.45
N ASP E 18 -27.09 -6.97 -0.91
CA ASP E 18 -26.39 -8.14 -1.35
C ASP E 18 -27.16 -8.73 -2.53
N ALA E 19 -27.09 -8.01 -3.64
CA ALA E 19 -27.71 -8.46 -4.87
C ALA E 19 -27.12 -9.77 -5.40
N GLU E 20 -25.86 -10.06 -5.07
CA GLU E 20 -25.15 -11.21 -5.63
C GLU E 20 -25.44 -12.47 -4.83
N GLY E 21 -26.10 -12.34 -3.70
CA GLY E 21 -26.42 -13.47 -2.88
C GLY E 21 -25.28 -14.03 -2.07
N LYS E 22 -24.26 -13.21 -1.81
CA LYS E 22 -23.03 -13.69 -1.15
C LYS E 22 -23.26 -14.02 0.32
N GLY E 23 -24.20 -13.36 0.95
CA GLY E 23 -24.40 -13.47 2.39
C GLY E 23 -23.72 -12.39 3.22
N PHE E 24 -23.25 -11.33 2.56
CA PHE E 24 -22.57 -10.22 3.20
C PHE E 24 -22.43 -9.11 2.15
N ILE E 25 -22.14 -7.90 2.64
CA ILE E 25 -22.09 -6.71 1.82
C ILE E 25 -20.64 -6.26 1.83
N ALA E 26 -20.10 -6.10 0.63
CA ALA E 26 -18.74 -5.66 0.37
C ALA E 26 -18.64 -4.21 -0.08
N ARG E 27 -17.43 -3.69 -0.08
CA ARG E 27 -17.22 -2.30 -0.42
C ARG E 27 -17.82 -1.88 -1.70
N LYS E 28 -17.75 -2.72 -2.70
CA LYS E 28 -18.28 -2.36 -3.99
C LYS E 28 -19.77 -2.52 -4.10
N ASP E 29 -20.36 -3.27 -3.22
CA ASP E 29 -21.79 -3.40 -3.22
C ASP E 29 -22.50 -2.09 -2.97
N MET E 30 -22.03 -1.35 -1.98
CA MET E 30 -22.54 -0.01 -1.71
C MET E 30 -22.33 0.93 -2.87
N GLN E 31 -21.17 0.82 -3.47
CA GLN E 31 -20.80 1.58 -4.63
C GLN E 31 -21.90 1.53 -5.67
N ARG E 32 -22.23 0.37 -6.13
CA ARG E 32 -23.25 0.22 -7.13
C ARG E 32 -24.50 0.98 -6.84
N LEU E 33 -24.88 1.05 -5.59
CA LEU E 33 -26.16 1.65 -5.23
C LEU E 33 -26.23 3.13 -5.50
N HIS E 34 -25.08 3.81 -5.61
CA HIS E 34 -25.05 5.16 -6.19
C HIS E 34 -25.83 5.24 -7.51
N LYS E 35 -25.83 4.13 -8.24
CA LYS E 35 -26.65 4.00 -9.43
C LYS E 35 -28.16 3.90 -9.11
N GLU E 36 -28.55 3.20 -8.05
CA GLU E 36 -29.94 3.00 -7.74
C GLU E 36 -30.50 4.04 -6.75
N LEU E 37 -29.65 4.67 -5.98
CA LEU E 37 -30.07 5.58 -4.93
C LEU E 37 -29.56 7.01 -5.14
N PRO E 38 -30.21 8.01 -4.51
CA PRO E 38 -29.77 9.39 -4.64
C PRO E 38 -28.79 9.81 -3.56
N LEU E 39 -27.77 8.98 -3.32
CA LEU E 39 -26.67 9.27 -2.40
C LEU E 39 -25.35 9.27 -3.15
N SER E 40 -24.42 10.06 -2.65
CA SER E 40 -23.08 10.15 -3.22
C SER E 40 -22.25 8.98 -2.72
N LEU E 41 -21.22 8.63 -3.50
CA LEU E 41 -20.33 7.53 -3.15
C LEU E 41 -19.66 7.83 -1.82
N GLU E 42 -19.31 9.09 -1.59
CA GLU E 42 -18.74 9.47 -0.30
C GLU E 42 -19.72 9.10 0.79
N GLU E 43 -20.96 9.54 0.63
CA GLU E 43 -22.00 9.18 1.59
C GLU E 43 -22.17 7.69 1.72
N LEU E 44 -22.21 6.99 0.60
CA LEU E 44 -22.24 5.50 0.58
C LEU E 44 -20.95 4.85 1.13
N GLU E 45 -19.86 5.57 1.27
CA GLU E 45 -18.68 5.04 1.98
C GLU E 45 -18.84 5.16 3.48
N ASP E 46 -19.52 6.22 3.94
CA ASP E 46 -19.71 6.47 5.37
C ASP E 46 -20.83 5.60 5.96
N VAL E 47 -21.83 5.30 5.16
CA VAL E 47 -22.84 4.31 5.56
C VAL E 47 -22.17 2.99 5.89
N PHE E 48 -21.29 2.56 5.02
CA PHE E 48 -20.55 1.35 5.19
C PHE E 48 -19.78 1.41 6.51
N ASP E 49 -19.08 2.51 6.73
CA ASP E 49 -18.21 2.57 7.88
C ASP E 49 -19.00 2.49 9.19
N ALA E 50 -20.16 3.13 9.21
CA ALA E 50 -20.98 3.14 10.40
C ALA E 50 -21.60 1.79 10.64
N LEU E 51 -21.82 1.01 9.55
CA LEU E 51 -22.51 -0.27 9.63
C LEU E 51 -21.60 -1.38 10.09
N ASP E 52 -20.43 -1.46 9.49
CA ASP E 52 -19.46 -2.53 9.76
C ASP E 52 -18.87 -2.35 11.18
N ALA E 53 -19.64 -2.80 12.17
CA ALA E 53 -19.38 -2.47 13.54
C ALA E 53 -17.99 -2.87 13.94
N ASP E 54 -17.56 -4.06 13.57
CA ASP E 54 -16.28 -4.61 14.00
C ASP E 54 -15.12 -4.24 13.08
N GLY E 55 -15.41 -3.55 11.99
CA GLY E 55 -14.37 -3.12 11.07
C GLY E 55 -13.84 -4.22 10.14
N ASN E 56 -14.63 -5.24 9.86
CA ASN E 56 -14.23 -6.31 8.99
C ASN E 56 -13.95 -5.83 7.60
N GLY E 57 -14.44 -4.65 7.25
CA GLY E 57 -14.56 -4.30 5.83
C GLY E 57 -15.61 -5.14 5.14
N TYR E 58 -16.34 -5.89 5.91
CA TYR E 58 -17.44 -6.68 5.43
C TYR E 58 -18.60 -6.51 6.36
N LEU E 59 -19.79 -6.37 5.80
CA LEU E 59 -21.04 -6.21 6.59
C LEU E 59 -21.76 -7.56 6.72
N THR E 60 -22.12 -7.91 7.95
CA THR E 60 -22.94 -9.11 8.21
C THR E 60 -24.42 -8.72 8.31
N PRO E 61 -25.34 -9.63 7.99
CA PRO E 61 -26.76 -9.40 8.30
C PRO E 61 -26.98 -8.82 9.68
N GLN E 62 -26.37 -9.36 10.70
CA GLN E 62 -26.59 -8.81 12.04
C GLN E 62 -26.14 -7.35 12.16
N GLU E 63 -24.96 -7.04 11.62
CA GLU E 63 -24.46 -5.66 11.64
C GLU E 63 -25.43 -4.77 10.91
N PHE E 64 -25.87 -5.21 9.74
CA PHE E 64 -26.92 -4.49 9.01
C PHE E 64 -28.16 -4.31 9.88
N THR E 65 -28.62 -5.38 10.50
CA THR E 65 -29.87 -5.29 11.30
C THR E 65 -29.68 -4.36 12.44
N THR E 66 -28.48 -4.35 13.03
CA THR E 66 -28.23 -3.46 14.18
C THR E 66 -28.49 -1.99 13.82
N GLY E 67 -27.93 -1.57 12.70
CA GLY E 67 -28.09 -0.19 12.28
C GLY E 67 -29.52 0.16 11.96
N PHE E 68 -30.18 -0.68 11.21
CA PHE E 68 -31.59 -0.38 10.90
C PHE E 68 -32.45 -0.35 12.18
N SER E 69 -32.19 -1.26 13.14
CA SER E 69 -32.87 -1.23 14.42
C SER E 69 -32.78 0.13 15.09
N HIS E 70 -31.57 0.70 15.19
CA HIS E 70 -31.41 2.04 15.83
C HIS E 70 -32.24 3.09 15.09
N PHE E 71 -32.13 3.08 13.76
CA PHE E 71 -32.95 3.94 12.93
C PHE E 71 -34.41 3.67 13.16
N PHE E 72 -34.84 2.43 13.10
CA PHE E 72 -36.25 2.11 13.26
C PHE E 72 -36.88 2.50 14.57
N PHE E 73 -36.13 2.35 15.63
CA PHE E 73 -36.63 2.66 16.93
C PHE E 73 -36.31 3.99 17.55
N SER E 74 -35.75 4.93 16.82
CA SER E 74 -35.55 6.23 17.36
C SER E 74 -36.89 6.51 17.94
N GLN E 75 -37.92 6.33 17.12
CA GLN E 75 -39.25 6.47 17.55
C GLN E 75 -39.76 5.07 17.61
N GLY F 2 19.92 3.49 15.63
CA GLY F 2 18.88 3.58 14.58
C GLY F 2 17.52 2.90 14.88
N GLN F 3 17.52 1.86 15.72
CA GLN F 3 16.32 1.09 16.01
C GLN F 3 15.28 1.87 16.78
N LEU F 4 15.73 2.71 17.70
CA LEU F 4 14.81 3.46 18.54
C LEU F 4 14.01 4.45 17.77
N VAL F 5 14.60 5.05 16.76
CA VAL F 5 13.85 6.01 15.96
C VAL F 5 12.81 5.25 15.16
N MET F 6 13.20 4.11 14.59
CA MET F 6 12.21 3.28 13.92
C MET F 6 10.95 3.06 14.78
N LEU F 7 11.14 2.58 16.00
CA LEU F 7 10.01 2.20 16.86
C LEU F 7 9.15 3.38 17.31
N ARG F 8 9.79 4.50 17.60
CA ARG F 8 9.04 5.66 17.97
C ARG F 8 7.95 6.02 16.92
N LYS F 9 8.31 5.87 15.65
CA LYS F 9 7.37 6.17 14.55
C LYS F 9 6.32 5.04 14.38
N ALA F 10 6.78 3.81 14.47
CA ALA F 10 5.83 2.69 14.49
C ALA F 10 4.77 2.89 15.50
N GLN F 11 5.13 3.36 16.67
CA GLN F 11 4.13 3.65 17.73
C GLN F 11 3.18 4.73 17.30
N GLU F 12 3.73 5.86 16.87
CA GLU F 12 2.85 6.99 16.52
C GLU F 12 1.90 6.59 15.39
N PHE F 13 2.39 5.84 14.41
CA PHE F 13 1.55 5.45 13.28
C PHE F 13 0.54 4.37 13.61
N PHE F 14 0.95 3.38 14.35
CA PHE F 14 0.00 2.38 14.80
C PHE F 14 -1.18 3.04 15.50
N GLN F 15 -0.89 3.98 16.39
CA GLN F 15 -1.95 4.66 17.15
C GLN F 15 -2.79 5.53 16.25
N THR F 16 -2.24 5.99 15.14
CA THR F 16 -2.98 6.80 14.23
C THR F 16 -3.91 5.91 13.44
N CYS F 17 -3.47 4.70 13.09
CA CYS F 17 -4.35 3.73 12.47
C CYS F 17 -5.38 3.15 13.47
N ASP F 18 -4.92 2.63 14.61
CA ASP F 18 -5.85 2.21 15.66
C ASP F 18 -6.27 3.43 16.47
N ALA F 19 -7.04 4.31 15.82
CA ALA F 19 -7.44 5.54 16.47
C ALA F 19 -8.24 5.31 17.75
N GLU F 20 -8.89 4.15 17.87
CA GLU F 20 -9.79 3.94 19.01
C GLU F 20 -9.15 3.29 20.21
N GLY F 21 -7.88 2.98 20.16
CA GLY F 21 -7.24 2.44 21.34
C GLY F 21 -7.71 1.02 21.62
N LYS F 22 -7.75 0.19 20.66
CA LYS F 22 -8.20 -1.17 20.77
C LYS F 22 -7.11 -2.16 20.92
N GLY F 23 -5.93 -1.80 20.42
CA GLY F 23 -4.83 -2.71 20.53
C GLY F 23 -4.53 -3.47 19.29
N PHE F 24 -5.20 -3.12 18.24
CA PHE F 24 -5.01 -3.75 16.94
C PHE F 24 -5.67 -2.89 15.87
N ILE F 25 -5.26 -3.11 14.61
CA ILE F 25 -5.72 -2.33 13.50
C ILE F 25 -6.67 -3.20 12.68
N ALA F 26 -7.84 -2.64 12.33
CA ALA F 26 -8.90 -3.35 11.65
C ALA F 26 -8.95 -2.89 10.24
N ARG F 27 -9.70 -3.63 9.45
CA ARG F 27 -9.92 -3.25 8.05
C ARG F 27 -10.58 -1.88 7.95
N LYS F 28 -11.50 -1.60 8.87
CA LYS F 28 -12.15 -0.29 8.90
C LYS F 28 -11.17 0.80 9.26
N ASP F 29 -10.12 0.46 9.99
CA ASP F 29 -9.13 1.46 10.39
C ASP F 29 -8.33 2.00 9.19
N MET F 30 -7.97 1.13 8.25
CA MET F 30 -7.15 1.58 7.09
C MET F 30 -8.01 2.25 6.02
N GLN F 31 -9.30 2.00 6.06
CA GLN F 31 -10.29 2.66 5.18
C GLN F 31 -10.50 4.11 5.47
N ARG F 32 -10.66 4.43 6.74
CA ARG F 32 -10.79 5.77 7.21
C ARG F 32 -9.57 6.63 6.92
N LEU F 33 -8.40 6.03 6.79
CA LEU F 33 -7.24 6.77 6.35
C LEU F 33 -7.40 7.31 4.94
N HIS F 34 -8.40 6.87 4.21
CA HIS F 34 -8.69 7.42 2.87
C HIS F 34 -8.90 8.92 2.91
N LYS F 35 -9.56 9.40 3.95
CA LYS F 35 -9.78 10.83 4.10
C LYS F 35 -8.47 11.59 4.34
N GLU F 36 -7.56 10.99 5.11
CA GLU F 36 -6.36 11.66 5.60
C GLU F 36 -5.13 11.42 4.73
N LEU F 37 -5.16 10.46 3.81
CA LEU F 37 -4.04 10.17 2.95
C LEU F 37 -4.50 9.97 1.53
N PRO F 38 -3.60 10.19 0.54
CA PRO F 38 -3.95 10.16 -0.87
C PRO F 38 -3.77 8.79 -1.48
N LEU F 39 -4.47 7.82 -0.93
CA LEU F 39 -4.43 6.46 -1.42
C LEU F 39 -5.84 6.01 -1.68
N SER F 40 -6.02 5.14 -2.64
CA SER F 40 -7.31 4.61 -2.99
C SER F 40 -7.67 3.49 -2.03
N LEU F 41 -8.90 3.49 -1.55
CA LEU F 41 -9.41 2.50 -0.61
C LEU F 41 -9.00 1.09 -0.95
N GLU F 42 -8.85 0.82 -2.21
CA GLU F 42 -8.36 -0.47 -2.66
C GLU F 42 -6.92 -0.62 -2.29
N GLU F 43 -6.14 0.44 -2.34
CA GLU F 43 -4.73 0.44 -1.90
C GLU F 43 -4.64 0.40 -0.39
N LEU F 44 -5.60 1.00 0.25
CA LEU F 44 -5.73 0.96 1.66
C LEU F 44 -6.08 -0.47 2.07
N GLU F 45 -6.75 -1.19 1.21
CA GLU F 45 -7.09 -2.55 1.46
C GLU F 45 -5.85 -3.42 1.38
N ASP F 46 -5.07 -3.17 0.35
CA ASP F 46 -3.89 -3.94 0.03
C ASP F 46 -2.76 -3.83 1.01
N VAL F 47 -2.58 -2.66 1.56
CA VAL F 47 -1.66 -2.44 2.65
C VAL F 47 -1.96 -3.34 3.84
N PHE F 48 -3.23 -3.37 4.22
CA PHE F 48 -3.68 -4.18 5.32
C PHE F 48 -3.27 -5.59 5.07
N ASP F 49 -3.62 -6.14 3.90
CA ASP F 49 -3.31 -7.52 3.56
C ASP F 49 -1.82 -7.79 3.59
N ALA F 50 -1.02 -6.88 3.03
CA ALA F 50 0.45 -7.00 3.09
C ALA F 50 0.99 -6.98 4.51
N LEU F 51 0.39 -6.21 5.40
CA LEU F 51 0.86 -6.14 6.78
C LEU F 51 0.29 -7.25 7.68
N ASP F 52 -0.95 -7.70 7.46
CA ASP F 52 -1.45 -8.82 8.24
C ASP F 52 -0.87 -10.09 7.68
N ALA F 53 0.36 -10.40 8.09
CA ALA F 53 1.09 -11.56 7.53
C ALA F 53 0.35 -12.89 7.74
N ASP F 54 -0.26 -13.04 8.90
CA ASP F 54 -0.94 -14.30 9.26
C ASP F 54 -2.43 -14.35 8.87
N GLY F 55 -2.92 -13.34 8.17
CA GLY F 55 -4.28 -13.43 7.66
C GLY F 55 -5.36 -13.64 8.72
N ASN F 56 -5.10 -13.22 9.97
CA ASN F 56 -6.15 -13.22 11.00
C ASN F 56 -7.33 -12.28 10.69
N GLY F 57 -7.14 -11.35 9.77
CA GLY F 57 -7.98 -10.14 9.75
C GLY F 57 -7.67 -9.18 10.88
N TYR F 58 -6.60 -9.43 11.63
CA TYR F 58 -6.14 -8.55 12.71
C TYR F 58 -4.65 -8.20 12.48
N LEU F 59 -4.35 -6.90 12.56
CA LEU F 59 -3.02 -6.30 12.41
C LEU F 59 -2.49 -6.04 13.82
N THR F 60 -1.46 -6.76 14.22
CA THR F 60 -0.91 -6.60 15.54
C THR F 60 0.14 -5.50 15.53
N PRO F 61 0.49 -4.97 16.72
CA PRO F 61 1.62 -4.05 16.76
C PRO F 61 2.89 -4.65 16.20
N GLN F 62 3.11 -5.93 16.44
CA GLN F 62 4.33 -6.56 15.93
C GLN F 62 4.29 -6.79 14.40
N GLU F 63 3.12 -7.15 13.88
CA GLU F 63 2.98 -7.19 12.44
C GLU F 63 3.23 -5.77 11.85
N PHE F 64 2.54 -4.75 12.35
CA PHE F 64 2.77 -3.40 11.92
C PHE F 64 4.22 -3.05 12.10
N THR F 65 4.80 -3.29 13.27
CA THR F 65 6.19 -2.93 13.53
C THR F 65 7.12 -3.68 12.56
N THR F 66 6.82 -4.96 12.27
CA THR F 66 7.67 -5.73 11.37
C THR F 66 7.67 -5.14 9.97
N GLY F 67 6.54 -4.69 9.48
CA GLY F 67 6.48 -4.11 8.15
C GLY F 67 7.21 -2.79 8.09
N PHE F 68 6.86 -1.87 8.98
CA PHE F 68 7.54 -0.56 9.03
C PHE F 68 9.07 -0.69 9.12
N SER F 69 9.57 -1.68 9.81
CA SER F 69 11.01 -1.93 9.92
C SER F 69 11.62 -2.25 8.58
N HIS F 70 11.06 -3.25 7.88
CA HIS F 70 11.61 -3.62 6.57
C HIS F 70 11.70 -2.42 5.61
N PHE F 71 10.64 -1.64 5.59
CA PHE F 71 10.65 -0.40 4.85
C PHE F 71 11.63 0.62 5.45
N PHE F 72 11.57 0.81 6.77
CA PHE F 72 12.40 1.77 7.46
C PHE F 72 13.89 1.66 7.04
N PHE F 73 14.38 0.45 7.01
CA PHE F 73 15.76 0.21 6.67
C PHE F 73 15.97 -0.06 5.19
N SER F 74 15.30 -1.06 4.66
CA SER F 74 15.37 -1.34 3.22
C SER F 74 14.50 -0.32 2.47
N GLN G 3 -0.60 2.26 23.89
CA GLN G 3 0.79 2.59 23.54
C GLN G 3 1.54 1.29 23.54
N LEU G 4 1.09 0.37 22.70
CA LEU G 4 1.55 -1.00 22.76
C LEU G 4 2.82 -1.38 22.07
N VAL G 5 3.39 -0.49 21.25
CA VAL G 5 4.69 -0.78 20.64
C VAL G 5 5.79 -0.57 21.70
N MET G 6 5.76 0.56 22.42
CA MET G 6 6.62 0.72 23.55
C MET G 6 6.36 -0.43 24.52
N LEU G 7 5.10 -0.66 24.87
CA LEU G 7 4.82 -1.67 25.91
C LEU G 7 5.42 -3.01 25.59
N ARG G 8 5.36 -3.39 24.34
CA ARG G 8 5.87 -4.65 23.87
C ARG G 8 7.37 -4.82 23.98
N LYS G 9 8.09 -3.74 23.89
CA LYS G 9 9.50 -3.75 24.13
C LYS G 9 9.82 -3.69 25.61
N ALA G 10 9.07 -2.85 26.36
CA ALA G 10 9.16 -2.83 27.79
C ALA G 10 8.98 -4.25 28.39
N GLN G 11 8.12 -5.04 27.81
CA GLN G 11 7.99 -6.36 28.29
C GLN G 11 9.17 -7.21 28.02
N GLU G 12 9.51 -7.37 26.77
CA GLU G 12 10.63 -8.16 26.37
C GLU G 12 11.90 -7.77 27.07
N PHE G 13 12.01 -6.56 27.54
CA PHE G 13 13.12 -6.13 28.41
C PHE G 13 12.94 -6.44 29.86
N PHE G 14 11.76 -6.22 30.41
CA PHE G 14 11.40 -6.81 31.69
C PHE G 14 11.64 -8.33 31.68
N GLN G 15 11.28 -8.99 30.59
CA GLN G 15 11.42 -10.46 30.49
C GLN G 15 12.88 -10.92 30.46
N THR G 16 13.75 -10.09 29.89
CA THR G 16 15.19 -10.40 29.85
C THR G 16 15.90 -10.13 31.19
N CYS G 17 15.47 -9.09 31.90
CA CYS G 17 15.96 -8.88 33.27
C CYS G 17 15.42 -9.96 34.25
N ASP G 18 14.15 -10.31 34.10
CA ASP G 18 13.50 -11.33 34.89
C ASP G 18 13.71 -12.71 34.23
N ALA G 19 14.98 -13.09 34.11
CA ALA G 19 15.36 -14.33 33.41
C ALA G 19 14.74 -15.59 34.03
N GLU G 20 14.45 -15.53 35.31
CA GLU G 20 13.91 -16.67 36.03
C GLU G 20 12.37 -16.72 36.01
N GLY G 21 11.74 -15.74 35.36
CA GLY G 21 10.30 -15.73 35.23
C GLY G 21 9.59 -15.45 36.53
N LYS G 22 10.19 -14.65 37.40
CA LYS G 22 9.62 -14.38 38.72
C LYS G 22 8.43 -13.41 38.68
N GLY G 23 8.40 -12.53 37.70
CA GLY G 23 7.39 -11.46 37.68
C GLY G 23 7.85 -10.16 38.35
N PHE G 24 9.13 -10.06 38.66
CA PHE G 24 9.72 -8.88 39.30
C PHE G 24 11.21 -9.01 39.14
N ILE G 25 11.89 -7.87 39.19
CA ILE G 25 13.33 -7.79 39.00
C ILE G 25 13.97 -7.43 40.34
N ALA G 26 14.95 -8.22 40.74
CA ALA G 26 15.64 -8.04 42.00
C ALA G 26 17.01 -7.40 41.74
N ARG G 27 17.64 -6.98 42.82
CA ARG G 27 18.92 -6.35 42.73
C ARG G 27 19.96 -7.24 42.11
N LYS G 28 19.86 -8.54 42.39
CA LYS G 28 20.80 -9.48 41.82
C LYS G 28 20.54 -9.76 40.34
N ASP G 29 19.35 -9.45 39.87
CA ASP G 29 19.09 -9.57 38.46
C ASP G 29 19.95 -8.58 37.67
N MET G 30 20.13 -7.38 38.21
CA MET G 30 20.96 -6.37 37.54
C MET G 30 22.42 -6.78 37.56
N GLN G 31 22.94 -7.12 38.73
CA GLN G 31 24.32 -7.62 38.88
C GLN G 31 24.75 -8.63 37.80
N ARG G 32 23.81 -9.48 37.41
CA ARG G 32 24.08 -10.49 36.38
C ARG G 32 24.07 -9.96 34.96
N LEU G 33 23.55 -8.75 34.76
CA LEU G 33 23.62 -8.04 33.46
C LEU G 33 24.99 -7.47 33.16
N HIS G 34 25.74 -7.11 34.19
CA HIS G 34 27.15 -6.71 34.08
C HIS G 34 27.87 -7.57 33.03
N LYS G 35 27.52 -8.84 32.93
CA LYS G 35 28.21 -9.73 32.00
C LYS G 35 27.74 -9.57 30.57
N GLU G 36 26.43 -9.51 30.36
CA GLU G 36 25.91 -9.36 29.00
C GLU G 36 26.01 -7.91 28.52
N LEU G 37 26.06 -6.95 29.43
CA LEU G 37 25.97 -5.53 29.10
C LEU G 37 27.28 -4.78 29.43
N PRO G 38 27.54 -3.66 28.75
CA PRO G 38 28.75 -2.89 28.99
C PRO G 38 28.53 -1.74 29.99
N LEU G 39 28.03 -2.07 31.17
CA LEU G 39 27.86 -1.10 32.21
C LEU G 39 28.40 -1.58 33.53
N SER G 40 28.90 -0.62 34.30
CA SER G 40 29.44 -0.86 35.63
C SER G 40 28.39 -1.38 36.58
N LEU G 41 28.84 -2.24 37.49
CA LEU G 41 27.97 -2.79 38.54
C LEU G 41 27.30 -1.71 39.37
N GLU G 42 28.05 -0.68 39.73
CA GLU G 42 27.45 0.45 40.41
C GLU G 42 26.52 1.25 39.52
N GLU G 43 26.74 1.20 38.21
CA GLU G 43 25.77 1.81 37.25
C GLU G 43 24.45 1.10 37.24
N LEU G 44 24.48 -0.22 37.23
CA LEU G 44 23.25 -1.03 37.29
C LEU G 44 22.51 -0.96 38.61
N GLU G 45 23.19 -0.60 39.69
CA GLU G 45 22.50 -0.27 40.93
C GLU G 45 21.63 0.95 40.70
N ASP G 46 22.22 1.97 40.09
CA ASP G 46 21.52 3.24 39.95
C ASP G 46 20.32 3.12 39.05
N VAL G 47 20.40 2.25 38.05
CA VAL G 47 19.24 1.97 37.26
C VAL G 47 18.20 1.30 38.08
N PHE G 48 18.63 0.39 38.96
CA PHE G 48 17.65 -0.25 39.83
C PHE G 48 16.93 0.79 40.68
N ASP G 49 17.69 1.65 41.35
CA ASP G 49 17.07 2.61 42.28
C ASP G 49 16.24 3.64 41.54
N ALA G 50 16.70 4.08 40.36
CA ALA G 50 15.97 5.06 39.61
C ALA G 50 14.61 4.49 39.13
N LEU G 51 14.59 3.21 38.79
CA LEU G 51 13.35 2.56 38.38
C LEU G 51 12.49 2.11 39.55
N ASP G 52 13.12 1.74 40.69
CA ASP G 52 12.39 1.36 41.92
C ASP G 52 11.73 2.60 42.53
N ALA G 53 10.62 2.98 41.94
CA ALA G 53 9.99 4.24 42.30
C ALA G 53 9.46 4.29 43.73
N ASP G 54 9.12 3.14 44.30
CA ASP G 54 8.62 3.08 45.68
C ASP G 54 9.67 2.60 46.68
N GLY G 55 10.88 2.26 46.21
CA GLY G 55 11.90 1.75 47.08
C GLY G 55 11.55 0.42 47.70
N ASN G 56 10.77 -0.42 47.02
CA ASN G 56 10.52 -1.76 47.53
C ASN G 56 11.78 -2.55 47.70
N GLY G 57 12.85 -2.12 47.07
CA GLY G 57 13.89 -3.03 46.70
C GLY G 57 13.45 -3.96 45.58
N TYR G 58 12.34 -3.62 44.91
CA TYR G 58 11.76 -4.49 43.88
C TYR G 58 11.13 -3.67 42.80
N LEU G 59 11.42 -4.08 41.56
CA LEU G 59 10.90 -3.45 40.36
C LEU G 59 9.69 -4.21 39.87
N THR G 60 8.58 -3.54 39.83
CA THR G 60 7.40 -4.13 39.27
C THR G 60 7.40 -3.94 37.77
N PRO G 61 6.63 -4.76 37.03
CA PRO G 61 6.43 -4.50 35.60
C PRO G 61 5.94 -3.09 35.37
N GLN G 62 5.11 -2.58 36.26
CA GLN G 62 4.69 -1.19 36.22
C GLN G 62 5.89 -0.24 36.33
N GLU G 63 6.68 -0.42 37.37
CA GLU G 63 7.82 0.41 37.59
C GLU G 63 8.76 0.34 36.41
N PHE G 64 9.01 -0.85 35.90
CA PHE G 64 9.91 -0.98 34.71
C PHE G 64 9.32 -0.29 33.49
N THR G 65 8.04 -0.53 33.23
CA THR G 65 7.36 0.06 32.08
C THR G 65 7.41 1.58 32.13
N THR G 66 7.12 2.15 33.31
CA THR G 66 7.10 3.61 33.45
C THR G 66 8.45 4.24 33.11
N GLY G 67 9.53 3.61 33.57
CA GLY G 67 10.85 4.08 33.19
C GLY G 67 11.05 4.05 31.70
N PHE G 68 10.86 2.88 31.12
CA PHE G 68 10.95 2.75 29.63
C PHE G 68 9.94 3.61 28.91
N SER G 69 8.80 3.89 29.56
CA SER G 69 7.88 4.82 28.95
C SER G 69 8.50 6.26 28.89
N HIS G 70 9.10 6.72 29.98
CA HIS G 70 9.74 8.04 29.96
C HIS G 70 10.86 8.12 28.91
N PHE G 71 11.66 7.06 28.82
CA PHE G 71 12.76 7.02 27.91
C PHE G 71 12.28 6.94 26.47
N PHE G 72 11.28 6.08 26.22
CA PHE G 72 10.72 5.88 24.87
C PHE G 72 10.23 7.21 24.24
N PHE G 73 9.47 7.98 25.01
CA PHE G 73 8.86 9.19 24.50
C PHE G 73 9.69 10.44 24.64
N SER G 74 10.28 10.66 25.80
CA SER G 74 11.27 11.73 25.93
C SER G 74 12.70 11.14 26.09
N GLY H 2 12.65 5.62 4.60
CA GLY H 2 13.39 5.81 5.89
C GLY H 2 14.36 7.03 5.91
N GLN H 3 14.83 7.44 4.73
CA GLN H 3 15.77 8.53 4.62
C GLN H 3 15.19 9.84 5.10
N LEU H 4 13.94 10.12 4.68
CA LEU H 4 13.25 11.39 5.07
C LEU H 4 13.37 11.58 6.57
N VAL H 5 13.24 10.47 7.31
CA VAL H 5 13.20 10.53 8.75
C VAL H 5 14.58 10.78 9.32
N MET H 6 15.59 10.08 8.80
CA MET H 6 16.97 10.33 9.19
C MET H 6 17.33 11.82 9.08
N LEU H 7 16.99 12.41 7.95
CA LEU H 7 17.37 13.77 7.68
C LEU H 7 16.69 14.70 8.66
N ARG H 8 15.40 14.51 8.87
CA ARG H 8 14.69 15.42 9.75
C ARG H 8 15.34 15.47 11.12
N LYS H 9 15.91 14.36 11.57
CA LYS H 9 16.66 14.35 12.82
C LYS H 9 18.06 14.88 12.63
N ALA H 10 18.71 14.56 11.51
CA ALA H 10 20.01 15.18 11.22
C ALA H 10 19.93 16.68 11.28
N GLN H 11 18.83 17.23 10.79
CA GLN H 11 18.63 18.68 10.85
C GLN H 11 18.44 19.13 12.28
N GLU H 12 17.40 18.63 12.92
CA GLU H 12 17.10 18.98 14.30
C GLU H 12 18.39 19.01 15.15
N PHE H 13 19.22 17.98 15.02
CA PHE H 13 20.37 17.85 15.89
C PHE H 13 21.52 18.80 15.47
N PHE H 14 21.62 19.08 14.18
CA PHE H 14 22.61 20.02 13.71
C PHE H 14 22.30 21.40 14.27
N GLN H 15 21.02 21.76 14.30
CA GLN H 15 20.63 23.05 14.86
C GLN H 15 20.85 23.11 16.36
N THR H 16 20.83 21.97 17.03
CA THR H 16 21.05 21.95 18.46
C THR H 16 22.52 22.18 18.74
N CYS H 17 23.40 21.57 17.93
CA CYS H 17 24.84 21.81 18.03
C CYS H 17 25.24 23.19 17.47
N ASP H 18 24.74 23.55 16.30
CA ASP H 18 24.98 24.88 15.74
C ASP H 18 23.87 25.81 16.28
N ALA H 19 23.89 25.97 17.60
CA ALA H 19 22.88 26.73 18.34
C ALA H 19 22.87 28.23 18.06
N GLU H 20 23.77 28.66 17.19
CA GLU H 20 23.94 30.06 16.89
C GLU H 20 23.88 30.52 15.45
N GLY H 21 23.44 29.68 14.52
CA GLY H 21 23.32 30.08 13.12
C GLY H 21 24.57 30.27 12.27
N LYS H 22 25.72 29.87 12.75
CA LYS H 22 26.95 30.00 12.01
C LYS H 22 26.91 29.23 10.74
N GLY H 23 26.19 28.13 10.72
CA GLY H 23 26.17 27.28 9.55
C GLY H 23 27.13 26.11 9.58
N PHE H 24 27.64 25.81 10.76
CA PHE H 24 28.62 24.75 10.98
C PHE H 24 28.76 24.54 12.50
N ILE H 25 29.41 23.47 12.87
CA ILE H 25 29.68 23.19 14.26
C ILE H 25 31.17 23.34 14.50
N ALA H 26 31.51 24.05 15.57
CA ALA H 26 32.89 24.25 16.01
C ALA H 26 33.18 23.31 17.18
N ARG H 27 34.43 23.24 17.57
CA ARG H 27 34.84 22.34 18.64
C ARG H 27 34.34 22.72 20.00
N LYS H 28 34.40 23.99 20.28
CA LYS H 28 33.95 24.43 21.53
C LYS H 28 32.48 24.69 21.49
N ASP H 29 31.83 24.43 20.35
CA ASP H 29 30.39 24.55 20.26
C ASP H 29 29.88 23.39 21.08
N MET H 30 30.45 22.25 20.78
CA MET H 30 30.14 20.98 21.44
C MET H 30 30.50 21.03 22.89
N GLN H 31 31.68 21.55 23.14
CA GLN H 31 32.18 21.51 24.47
C GLN H 31 31.11 22.07 25.34
N ARG H 32 30.21 22.84 24.76
CA ARG H 32 29.07 23.36 25.45
C ARG H 32 28.12 22.19 25.53
N LEU H 33 28.22 21.26 24.60
CA LEU H 33 27.35 20.11 24.62
C LEU H 33 27.67 19.22 25.80
N HIS H 34 28.67 19.54 26.61
CA HIS H 34 28.94 18.72 27.81
C HIS H 34 28.12 19.13 29.02
N LYS H 35 27.87 20.42 29.21
CA LYS H 35 26.92 20.86 30.23
C LYS H 35 25.48 20.43 29.91
N GLU H 36 25.33 19.62 28.88
CA GLU H 36 24.00 19.11 28.52
C GLU H 36 23.93 17.64 28.15
N LEU H 37 25.02 16.89 28.27
CA LEU H 37 25.13 15.56 27.66
C LEU H 37 25.98 14.61 28.50
N PRO H 38 25.54 13.38 28.67
CA PRO H 38 26.29 12.44 29.45
C PRO H 38 27.51 11.93 28.73
N LEU H 39 28.44 12.84 28.53
CA LEU H 39 29.66 12.48 27.83
C LEU H 39 30.80 13.24 28.44
N SER H 40 32.00 12.74 28.18
CA SER H 40 33.24 13.25 28.76
C SER H 40 33.91 14.24 27.78
N LEU H 41 34.37 15.37 28.29
CA LEU H 41 34.95 16.41 27.44
C LEU H 41 35.85 15.76 26.41
N GLU H 42 36.65 14.80 26.85
CA GLU H 42 37.41 13.93 25.96
C GLU H 42 36.49 13.30 24.95
N GLU H 43 35.39 12.71 25.41
CA GLU H 43 34.42 12.02 24.52
C GLU H 43 33.82 12.94 23.45
N LEU H 44 33.20 14.05 23.88
CA LEU H 44 32.69 15.03 22.92
C LEU H 44 33.77 15.39 21.90
N GLU H 45 34.88 15.92 22.33
CA GLU H 45 35.91 16.36 21.42
C GLU H 45 36.41 15.29 20.52
N ASP H 46 36.08 14.08 20.82
CA ASP H 46 36.48 12.94 19.99
C ASP H 46 35.44 12.45 19.02
N VAL H 47 34.18 12.78 19.26
CA VAL H 47 33.18 12.66 18.21
C VAL H 47 33.32 13.79 17.17
N PHE H 48 33.98 14.87 17.55
CA PHE H 48 34.28 15.87 16.59
C PHE H 48 35.25 15.33 15.56
N ASP H 49 36.36 14.72 16.03
CA ASP H 49 37.36 14.11 15.14
C ASP H 49 36.77 13.02 14.23
N ALA H 50 35.65 12.42 14.66
CA ALA H 50 35.02 11.35 13.90
C ALA H 50 34.12 11.89 12.79
N LEU H 51 33.34 12.93 13.10
CA LEU H 51 32.45 13.54 12.13
C LEU H 51 33.20 14.46 11.15
N ASP H 52 34.27 15.11 11.63
CA ASP H 52 35.06 16.05 10.83
C ASP H 52 35.96 15.30 9.81
N ALA H 53 35.30 14.68 8.83
CA ALA H 53 35.95 13.79 7.86
C ALA H 53 37.16 14.47 7.21
N ASP H 54 37.02 15.73 6.85
CA ASP H 54 38.06 16.49 6.16
C ASP H 54 39.12 17.05 7.09
N GLY H 55 39.12 16.66 8.35
CA GLY H 55 40.04 17.23 9.33
C GLY H 55 39.98 18.75 9.38
N ASN H 56 38.86 19.30 8.97
CA ASN H 56 38.74 20.74 8.77
C ASN H 56 38.81 21.52 10.09
N GLY H 57 38.41 20.88 11.18
CA GLY H 57 38.03 21.61 12.38
C GLY H 57 36.70 22.33 12.26
N TYR H 58 35.98 22.08 11.18
CA TYR H 58 34.65 22.63 10.95
C TYR H 58 33.75 21.50 10.57
N LEU H 59 32.57 21.47 11.15
CA LEU H 59 31.58 20.39 10.90
C LEU H 59 30.53 20.89 9.92
N THR H 60 30.54 20.35 8.73
CA THR H 60 29.55 20.76 7.78
C THR H 60 28.30 19.93 8.01
N PRO H 61 27.14 20.49 7.67
CA PRO H 61 25.93 19.67 7.71
C PRO H 61 26.06 18.31 7.02
N GLN H 62 26.79 18.25 5.91
CA GLN H 62 26.95 16.97 5.21
C GLN H 62 27.85 16.02 5.97
N GLU H 63 28.88 16.57 6.59
CA GLU H 63 29.71 15.75 7.47
C GLU H 63 28.91 15.24 8.67
N PHE H 64 28.09 16.11 9.25
CA PHE H 64 27.14 15.72 10.30
C PHE H 64 26.15 14.71 9.73
N THR H 65 25.51 15.07 8.63
CA THR H 65 24.51 14.19 8.04
C THR H 65 25.11 12.81 7.77
N THR H 66 26.24 12.76 7.09
CA THR H 66 26.79 11.48 6.70
C THR H 66 27.18 10.64 7.90
N GLY H 67 27.67 11.29 8.97
CA GLY H 67 27.93 10.57 10.23
C GLY H 67 26.65 9.99 10.85
N PHE H 68 25.62 10.83 10.96
CA PHE H 68 24.35 10.42 11.52
C PHE H 68 23.66 9.34 10.69
N SER H 69 23.89 9.31 9.39
CA SER H 69 23.29 8.25 8.57
C SER H 69 23.95 6.87 8.75
N HIS H 70 25.29 6.81 8.83
CA HIS H 70 25.96 5.56 9.18
C HIS H 70 25.41 4.97 10.48
N PHE H 71 25.31 5.80 11.50
CA PHE H 71 24.72 5.37 12.75
C PHE H 71 23.25 5.01 12.56
N PHE H 72 22.50 5.84 11.85
CA PHE H 72 21.07 5.66 11.66
C PHE H 72 20.73 4.30 11.09
N PHE H 73 21.44 3.88 10.06
CA PHE H 73 21.24 2.56 9.46
C PHE H 73 22.27 1.56 9.97
N GLU I 9 -10.29 -28.80 -13.52
CA GLU I 9 -10.94 -30.07 -13.17
C GLU I 9 -9.94 -31.10 -12.61
N GLY I 10 -8.69 -31.00 -13.04
CA GLY I 10 -7.63 -31.83 -12.53
C GLY I 10 -6.91 -31.11 -11.43
N VAL I 11 -6.92 -29.79 -11.53
CA VAL I 11 -6.33 -28.95 -10.47
C VAL I 11 -7.23 -28.86 -9.28
N LEU I 12 -8.53 -29.08 -9.49
CA LEU I 12 -9.47 -29.28 -8.37
C LEU I 12 -9.26 -30.65 -7.68
N ALA I 13 -9.01 -31.66 -8.49
CA ALA I 13 -8.71 -32.99 -7.95
C ALA I 13 -7.43 -32.96 -7.14
N ASN I 14 -6.40 -32.37 -7.73
CA ASN I 14 -5.17 -32.11 -6.99
C ASN I 14 -5.45 -31.48 -5.61
N PHE I 15 -6.10 -30.32 -5.66
CA PHE I 15 -6.39 -29.52 -4.48
C PHE I 15 -7.26 -30.27 -3.47
N PHE I 16 -8.24 -30.97 -3.94
CA PHE I 16 -9.05 -31.79 -3.02
C PHE I 16 -8.34 -33.05 -2.57
N ASN I 17 -7.70 -33.76 -3.47
CA ASN I 17 -6.91 -34.91 -3.06
C ASN I 17 -5.84 -34.53 -2.03
N SER I 18 -5.24 -33.37 -2.19
CA SER I 18 -4.26 -32.89 -1.21
C SER I 18 -4.91 -32.55 0.14
N LEU I 19 -6.08 -31.91 0.09
CA LEU I 19 -6.79 -31.67 1.31
C LEU I 19 -7.12 -32.97 2.05
N LEU I 20 -7.33 -34.05 1.30
CA LEU I 20 -7.59 -35.37 1.89
C LEU I 20 -6.36 -36.08 2.44
N SER I 21 -5.21 -35.41 2.56
CA SER I 21 -3.98 -36.01 3.19
C SER I 21 -3.35 -35.10 4.24
N SER J 8 -10.32 -2.10 -13.60
CA SER J 8 -11.16 -1.44 -14.63
C SER J 8 -10.38 -1.00 -15.88
N GLU J 9 -9.07 -1.23 -15.88
CA GLU J 9 -8.18 -0.76 -16.93
C GLU J 9 -8.39 -1.50 -18.25
N GLY J 10 -8.89 -2.73 -18.20
CA GLY J 10 -9.16 -3.51 -19.42
C GLY J 10 -10.43 -3.12 -20.15
N VAL J 11 -11.40 -2.59 -19.41
CA VAL J 11 -12.68 -2.21 -19.99
C VAL J 11 -12.54 -0.87 -20.75
N LEU J 12 -11.75 0.04 -20.17
CA LEU J 12 -11.36 1.23 -20.92
C LEU J 12 -10.67 0.85 -22.19
N ALA J 13 -9.70 -0.06 -22.08
CA ALA J 13 -8.89 -0.53 -23.22
C ALA J 13 -9.76 -0.95 -24.37
N ASN J 14 -10.67 -1.88 -24.10
CA ASN J 14 -11.65 -2.28 -25.11
C ASN J 14 -12.37 -1.08 -25.69
N PHE J 15 -12.75 -0.15 -24.82
CA PHE J 15 -13.52 1.02 -25.22
C PHE J 15 -12.71 1.98 -26.12
N PHE J 16 -11.46 2.21 -25.78
CA PHE J 16 -10.60 3.13 -26.59
C PHE J 16 -10.11 2.51 -27.88
N ASN J 17 -9.85 1.20 -27.85
CA ASN J 17 -9.45 0.49 -29.06
C ASN J 17 -10.55 0.49 -30.13
N SER J 18 -11.80 0.38 -29.70
CA SER J 18 -12.93 0.40 -30.64
C SER J 18 -13.10 1.79 -31.27
N LEU J 19 -12.84 2.86 -30.53
CA LEU J 19 -12.96 4.17 -31.10
C LEU J 19 -11.87 4.40 -32.14
N LEU J 20 -10.79 3.67 -31.96
CA LEU J 20 -9.60 3.74 -32.78
C LEU J 20 -9.79 3.05 -34.08
N SER J 21 -10.75 2.17 -34.10
CA SER J 21 -11.06 1.44 -35.27
C SER J 21 -12.29 2.01 -35.86
N LYS J 22 -13.32 2.29 -35.06
CA LYS J 22 -14.55 2.90 -35.56
C LYS J 22 -15.00 2.48 -37.00
N GLY K 10 -9.85 -10.88 -36.32
CA GLY K 10 -10.87 -10.25 -35.50
C GLY K 10 -10.90 -10.51 -34.01
N VAL K 11 -10.80 -11.73 -33.57
CA VAL K 11 -10.70 -12.02 -32.16
C VAL K 11 -9.25 -11.95 -31.75
N LEU K 12 -8.38 -11.92 -32.75
CA LEU K 12 -6.99 -11.79 -32.62
C LEU K 12 -6.78 -10.36 -32.21
N ALA K 13 -7.43 -9.45 -32.93
CA ALA K 13 -7.32 -8.04 -32.62
C ALA K 13 -7.55 -7.80 -31.11
N ASN K 14 -8.63 -8.32 -30.60
CA ASN K 14 -8.93 -8.19 -29.26
C ASN K 14 -7.85 -8.72 -28.39
N PHE K 15 -7.28 -9.82 -28.85
CA PHE K 15 -6.18 -10.46 -28.14
C PHE K 15 -4.89 -9.62 -28.19
N PHE K 16 -4.58 -9.06 -29.34
CA PHE K 16 -3.38 -8.24 -29.40
C PHE K 16 -3.56 -6.91 -28.74
N ASN K 17 -4.70 -6.30 -28.99
CA ASN K 17 -5.01 -5.00 -28.38
C ASN K 17 -4.86 -5.06 -26.88
N SER K 18 -5.33 -6.14 -26.28
CA SER K 18 -5.25 -6.26 -24.84
C SER K 18 -3.78 -6.46 -24.37
N LEU K 19 -3.02 -7.27 -25.08
CA LEU K 19 -1.63 -7.38 -24.78
C LEU K 19 -0.90 -6.02 -24.86
N LEU K 20 -1.36 -5.15 -25.73
CA LEU K 20 -0.89 -3.78 -25.79
C LEU K 20 -1.43 -2.87 -24.70
N SER K 21 -1.99 -3.44 -23.63
CA SER K 21 -2.51 -2.68 -22.47
C SER K 21 -1.96 -3.32 -21.21
N LYS K 22 -1.08 -2.62 -20.49
CA LYS K 22 -0.51 -3.13 -19.25
C LYS K 22 -1.60 -3.78 -18.37
N SER L 8 -1.90 16.98 -4.68
CA SER L 8 -1.17 18.23 -4.81
C SER L 8 0.20 18.11 -4.18
N GLU L 9 0.25 18.12 -2.86
CA GLU L 9 1.49 17.99 -2.13
C GLU L 9 1.95 16.58 -2.34
N GLY L 10 1.01 15.78 -2.77
CA GLY L 10 1.27 14.40 -3.02
C GLY L 10 2.28 14.04 -4.05
N VAL L 11 2.09 14.43 -5.30
CA VAL L 11 3.03 14.04 -6.33
C VAL L 11 4.46 14.57 -6.05
N LEU L 12 4.55 15.60 -5.23
CA LEU L 12 5.87 16.07 -4.77
C LEU L 12 6.58 15.07 -3.82
N ALA L 13 5.83 14.57 -2.83
CA ALA L 13 6.36 13.56 -1.92
C ALA L 13 6.97 12.42 -2.71
N ASN L 14 6.24 11.93 -3.71
CA ASN L 14 6.75 10.80 -4.50
C ASN L 14 8.11 11.14 -5.09
N PHE L 15 8.13 12.20 -5.88
CA PHE L 15 9.38 12.63 -6.51
C PHE L 15 10.49 12.79 -5.45
N PHE L 16 10.20 13.56 -4.42
CA PHE L 16 11.21 13.80 -3.43
C PHE L 16 11.61 12.53 -2.70
N ASN L 17 10.63 11.73 -2.25
CA ASN L 17 10.95 10.43 -1.73
C ASN L 17 11.68 9.63 -2.84
N SER L 18 11.07 9.56 -4.01
CA SER L 18 11.67 8.81 -5.12
C SER L 18 13.13 9.25 -5.36
N LEU L 19 13.39 10.55 -5.29
CA LEU L 19 14.76 11.03 -5.32
C LEU L 19 15.53 10.64 -4.06
N LEU L 20 14.85 10.67 -2.91
CA LEU L 20 15.52 10.39 -1.62
C LEU L 20 16.13 9.00 -1.51
N SER L 21 15.89 8.15 -2.52
CA SER L 21 16.49 6.82 -2.59
C SER L 21 17.43 6.70 -3.79
N THR M 7 -22.60 12.57 13.98
CA THR M 7 -23.62 12.62 12.91
C THR M 7 -23.70 11.28 12.15
N SER M 8 -23.12 10.22 12.74
CA SER M 8 -23.26 8.86 12.23
C SER M 8 -24.69 8.48 11.94
N GLU M 9 -25.58 8.86 12.85
CA GLU M 9 -26.94 8.40 12.89
C GLU M 9 -27.78 9.09 11.80
N GLY M 10 -27.36 10.21 11.27
CA GLY M 10 -28.12 10.88 10.21
C GLY M 10 -27.80 10.33 8.83
N VAL M 11 -26.60 9.79 8.69
CA VAL M 11 -26.20 9.25 7.40
C VAL M 11 -26.90 7.91 7.16
N LEU M 12 -27.07 7.12 8.21
CA LEU M 12 -27.83 5.90 8.08
C LEU M 12 -29.28 6.22 7.73
N ALA M 13 -29.85 7.21 8.41
CA ALA M 13 -31.23 7.58 8.19
C ALA M 13 -31.51 7.84 6.72
N ASN M 14 -30.73 8.73 6.12
CA ASN M 14 -30.95 9.04 4.68
C ASN M 14 -30.91 7.77 3.88
N PHE M 15 -29.94 6.94 4.15
CA PHE M 15 -29.81 5.69 3.45
C PHE M 15 -31.04 4.83 3.57
N PHE M 16 -31.49 4.62 4.81
CA PHE M 16 -32.65 3.74 5.05
C PHE M 16 -33.94 4.35 4.49
N ASN M 17 -34.10 5.67 4.61
CA ASN M 17 -35.23 6.31 3.96
C ASN M 17 -35.16 6.08 2.45
N SER M 18 -33.97 6.34 1.84
CA SER M 18 -33.76 6.10 0.41
C SER M 18 -34.16 4.68 0.06
N LEU M 19 -33.88 3.71 0.95
CA LEU M 19 -34.27 2.32 0.69
C LEU M 19 -35.77 2.13 0.84
N LEU M 20 -36.40 3.01 1.59
CA LEU M 20 -37.84 2.99 1.77
C LEU M 20 -38.59 3.84 0.74
N SER M 21 -37.90 4.82 0.13
CA SER M 21 -38.47 5.67 -0.89
C SER M 21 -38.39 4.95 -2.26
N SER N 8 3.95 -5.06 -3.96
CA SER N 8 3.93 -5.62 -2.57
C SER N 8 4.60 -4.65 -1.57
N GLU N 9 5.83 -4.96 -1.14
CA GLU N 9 6.67 -4.00 -0.39
C GLU N 9 6.57 -2.57 -0.95
N GLY N 10 6.43 -2.48 -2.26
CA GLY N 10 6.30 -1.21 -2.92
C GLY N 10 5.07 -0.46 -2.51
N VAL N 11 3.99 -1.18 -2.20
CA VAL N 11 2.74 -0.50 -1.82
C VAL N 11 2.72 -0.17 -0.34
N LEU N 12 3.54 -0.86 0.46
CA LEU N 12 3.76 -0.39 1.83
C LEU N 12 4.60 0.89 1.88
N ALA N 13 5.65 0.90 1.09
CA ALA N 13 6.56 1.99 1.06
C ALA N 13 5.78 3.23 0.84
N ASN N 14 4.78 3.15 0.04
CA ASN N 14 3.79 4.07 -0.44
C ASN N 14 2.89 4.58 0.64
N PHE N 15 2.43 3.63 1.43
CA PHE N 15 1.60 3.89 2.56
C PHE N 15 2.42 4.55 3.60
N PHE N 16 3.56 4.02 3.89
CA PHE N 16 4.42 4.67 4.92
C PHE N 16 4.94 6.06 4.53
N ASN N 17 5.36 6.20 3.31
CA ASN N 17 5.75 7.54 2.85
C ASN N 17 4.65 8.58 3.09
N SER N 18 3.40 8.25 2.82
CA SER N 18 2.33 9.22 2.94
C SER N 18 1.97 9.50 4.40
N LEU N 19 2.27 8.58 5.29
CA LEU N 19 2.11 8.87 6.71
C LEU N 19 3.09 9.92 7.16
N LEU N 20 4.27 9.94 6.54
CA LEU N 20 5.32 10.89 6.88
C LEU N 20 5.13 12.30 6.28
N SER N 21 3.94 12.68 5.83
CA SER N 21 3.71 14.00 5.26
C SER N 21 2.38 14.64 5.71
N LYS N 22 1.97 15.67 5.00
CA LYS N 22 0.71 16.38 5.27
C LYS N 22 0.26 17.11 4.00
N GLU O 9 16.67 10.73 33.50
CA GLU O 9 17.97 10.25 33.90
C GLU O 9 18.55 9.70 32.67
N GLY O 10 19.82 9.95 32.46
CA GLY O 10 20.49 9.41 31.32
C GLY O 10 21.22 8.16 31.70
N VAL O 11 20.81 7.69 32.84
CA VAL O 11 21.37 6.52 33.45
C VAL O 11 20.53 5.47 32.87
N LEU O 12 19.28 5.86 32.77
CA LEU O 12 18.24 4.98 32.29
C LEU O 12 18.26 4.86 30.79
N ALA O 13 18.58 5.94 30.12
CA ALA O 13 18.68 5.90 28.66
C ALA O 13 19.89 5.13 28.19
N ASN O 14 21.00 5.29 28.91
CA ASN O 14 22.20 4.53 28.62
C ASN O 14 21.95 3.04 28.78
N PHE O 15 21.12 2.70 29.75
CA PHE O 15 20.80 1.28 30.04
C PHE O 15 19.92 0.71 28.95
N PHE O 16 18.80 1.38 28.71
CA PHE O 16 17.84 0.85 27.73
C PHE O 16 18.48 0.75 26.34
N ASN O 17 19.27 1.75 26.02
CA ASN O 17 19.99 1.75 24.74
C ASN O 17 20.86 0.50 24.57
N SER O 18 21.72 0.24 25.52
CA SER O 18 22.48 -1.02 25.51
C SER O 18 21.60 -2.26 25.35
N LEU O 19 20.34 -2.15 25.77
CA LEU O 19 19.39 -3.26 25.64
C LEU O 19 18.82 -3.44 24.24
N LEU O 20 18.70 -2.35 23.47
CA LEU O 20 18.33 -2.47 22.06
C LEU O 20 19.44 -3.00 21.19
N SER O 21 20.64 -3.11 21.74
CA SER O 21 21.83 -3.56 21.01
C SER O 21 22.17 -5.03 21.33
N LYS O 22 23.40 -5.44 21.08
CA LYS O 22 23.77 -6.85 21.20
C LYS O 22 25.05 -7.02 22.00
N GLU P 9 33.35 4.16 15.52
CA GLU P 9 31.93 3.77 15.34
C GLU P 9 31.19 3.92 16.66
N GLY P 10 31.51 3.03 17.58
CA GLY P 10 30.87 3.02 18.87
C GLY P 10 30.83 4.38 19.51
N VAL P 11 31.94 5.11 19.43
CA VAL P 11 32.04 6.42 20.08
C VAL P 11 31.09 7.48 19.47
N LEU P 12 30.74 7.30 18.20
CA LEU P 12 29.68 8.12 17.59
C LEU P 12 28.28 7.66 18.10
N ALA P 13 28.00 6.38 17.87
CA ALA P 13 26.76 5.75 18.33
C ALA P 13 26.32 6.28 19.69
N ASN P 14 27.28 6.58 20.56
CA ASN P 14 26.99 7.07 21.88
C ASN P 14 26.57 8.50 21.87
N PHE P 15 27.07 9.26 20.90
CA PHE P 15 26.74 10.67 20.84
C PHE P 15 25.26 10.84 20.56
N PHE P 16 24.81 10.19 19.48
CA PHE P 16 23.41 10.40 19.04
C PHE P 16 22.40 9.70 19.92
N ASN P 17 22.75 8.52 20.44
CA ASN P 17 21.90 7.86 21.46
C ASN P 17 21.52 8.83 22.57
N SER P 18 22.45 9.69 22.94
CA SER P 18 22.23 10.72 23.96
C SER P 18 21.45 11.93 23.47
N LEU P 19 21.68 12.35 22.23
CA LEU P 19 20.85 13.39 21.63
C LEU P 19 19.43 12.96 21.48
N LEU P 20 19.23 11.66 21.30
CA LEU P 20 17.87 11.02 21.20
C LEU P 20 17.11 10.88 22.50
N SER P 21 17.50 11.56 23.56
CA SER P 21 16.81 11.47 24.91
C SER P 21 16.55 12.85 25.58
#